data_1B3Q
#
_entry.id   1B3Q
#
_cell.length_a   61.800
_cell.length_b   126.500
_cell.length_c   75.100
_cell.angle_alpha   90.00
_cell.angle_beta   95.60
_cell.angle_gamma   90.00
#
_symmetry.space_group_name_H-M   'P 1 21 1'
#
loop_
_entity.id
_entity.type
_entity.pdbx_description
1 polymer 'PROTEIN (CHEMOTAXIS PROTEIN CHEA)'
2 non-polymer 'MERCURY (II) ION'
3 water water
#
_entity_poly.entity_id   1
_entity_poly.type   'polypeptide(L)'
_entity_poly.pdbx_seq_one_letter_code
;SQTVRVDIEKLDNLMDLMGELVIARSRILETLKKYNIKELDESLSHLSRITLDLQNVVMKIRMVPISFVFNRFPRMVRDL
AKKMNKEVNFIMRGEDTELDRTFVEEIGEPLLHLLRNAIDHGIEPKEERIAKGKPPIGTLILSARHEGNNVVIEVEDDGR
GIDKEKIIRKAIEKGLIDESKAATLSDQEILNFLFVPGFSTKEKVSEVSGRGVGMDVVKNVVESLNGSMGIESEKDKGTK
VTIRLPLTLAIICALLVKVNNLVYAIPIANIDTILSISKEDIQRVQDRDVIVIRGEVIPVYRLWEVLQIEHKEELEEMEA
VIVRVGNRKYGIVVDDLLGQDDIVIKSLGKVFSEVKEFSGAAILGDGSIALIINVSGIV
;
_entity_poly.pdbx_strand_id   A,B
#
loop_
_chem_comp.id
_chem_comp.type
_chem_comp.name
_chem_comp.formula
HG non-polymer 'MERCURY (II) ION' 'Hg 2'
#
# COMPACT_ATOMS: atom_id res chain seq x y z
N SER A 1 -1.94 -5.72 22.28
CA SER A 1 -1.60 -5.84 20.86
C SER A 1 -2.81 -6.25 20.00
N GLN A 2 -3.08 -5.43 18.98
CA GLN A 2 -4.19 -5.63 18.07
C GLN A 2 -3.78 -5.94 16.63
N THR A 3 -4.80 -6.27 15.83
CA THR A 3 -4.66 -6.58 14.41
C THR A 3 -5.77 -5.85 13.70
N VAL A 4 -5.62 -5.71 12.38
CA VAL A 4 -6.60 -5.03 11.55
C VAL A 4 -6.99 -5.90 10.38
N ARG A 5 -8.26 -5.87 10.04
CA ARG A 5 -8.77 -6.63 8.90
C ARG A 5 -8.36 -5.85 7.66
N VAL A 6 -7.58 -6.47 6.79
CA VAL A 6 -7.13 -5.84 5.56
C VAL A 6 -7.63 -6.65 4.36
N ASP A 7 -8.17 -5.99 3.35
CA ASP A 7 -8.66 -6.67 2.16
C ASP A 7 -7.48 -7.29 1.40
N ILE A 8 -7.66 -8.49 0.87
CA ILE A 8 -6.61 -9.19 0.13
C ILE A 8 -6.15 -8.46 -1.13
N GLU A 9 -7.06 -7.68 -1.73
CA GLU A 9 -6.76 -6.90 -2.92
C GLU A 9 -5.73 -5.82 -2.59
N LYS A 10 -5.89 -5.19 -1.43
CA LYS A 10 -4.99 -4.14 -0.99
C LYS A 10 -3.58 -4.68 -0.83
N LEU A 11 -3.46 -5.86 -0.26
CA LEU A 11 -2.16 -6.47 -0.08
C LEU A 11 -1.60 -6.81 -1.46
N ASP A 12 -2.47 -6.99 -2.44
CA ASP A 12 -2.01 -7.29 -3.78
C ASP A 12 -1.46 -6.03 -4.44
N ASN A 13 -2.10 -4.88 -4.19
CA ASN A 13 -1.67 -3.61 -4.74
C ASN A 13 -0.27 -3.27 -4.21
N LEU A 14 -0.08 -3.52 -2.92
CA LEU A 14 1.21 -3.28 -2.24
C LEU A 14 2.29 -4.10 -2.91
N MET A 15 1.94 -5.34 -3.25
CA MET A 15 2.85 -6.26 -3.92
C MET A 15 3.25 -5.74 -5.29
N ASP A 16 2.26 -5.36 -6.09
CA ASP A 16 2.46 -4.82 -7.43
C ASP A 16 3.37 -3.61 -7.35
N LEU A 17 2.92 -2.66 -6.51
CA LEU A 17 3.60 -1.40 -6.26
C LEU A 17 5.06 -1.58 -5.91
N MET A 18 5.32 -2.51 -5.00
CA MET A 18 6.68 -2.82 -4.58
C MET A 18 7.51 -3.24 -5.77
N GLY A 19 6.91 -4.09 -6.61
CA GLY A 19 7.56 -4.59 -7.80
C GLY A 19 7.85 -3.47 -8.75
N GLU A 20 6.90 -2.54 -8.83
CA GLU A 20 7.03 -1.36 -9.66
C GLU A 20 8.20 -0.52 -9.11
N LEU A 21 8.21 -0.39 -7.80
CA LEU A 21 9.21 0.38 -7.10
C LEU A 21 10.59 -0.22 -7.34
N VAL A 22 10.70 -1.54 -7.31
CA VAL A 22 11.99 -2.19 -7.54
C VAL A 22 12.55 -1.75 -8.88
N ILE A 23 11.67 -1.65 -9.87
CA ILE A 23 12.07 -1.25 -11.22
C ILE A 23 12.41 0.25 -11.30
N ALA A 24 11.58 1.09 -10.70
CA ALA A 24 11.81 2.53 -10.73
C ALA A 24 13.16 2.84 -10.14
N ARG A 25 13.38 2.35 -8.91
CA ARG A 25 14.63 2.56 -8.19
C ARG A 25 15.83 2.19 -9.04
N SER A 26 15.84 0.95 -9.50
CA SER A 26 16.89 0.39 -10.33
C SER A 26 17.20 1.28 -11.54
N ARG A 27 16.15 1.77 -12.22
CA ARG A 27 16.34 2.63 -13.38
C ARG A 27 16.94 3.99 -13.03
N ILE A 28 16.38 4.68 -12.03
CA ILE A 28 16.93 5.98 -11.65
C ILE A 28 18.38 5.80 -11.20
N LEU A 29 18.66 4.68 -10.56
CA LEU A 29 20.00 4.38 -10.09
C LEU A 29 20.95 4.20 -11.26
N GLU A 30 20.51 3.46 -12.28
CA GLU A 30 21.34 3.21 -13.44
C GLU A 30 21.55 4.39 -14.36
N THR A 31 20.54 5.25 -14.48
CA THR A 31 20.66 6.42 -15.35
C THR A 31 21.43 7.58 -14.75
N LEU A 32 22.04 7.36 -13.59
CA LEU A 32 22.85 8.40 -12.94
C LEU A 32 23.99 7.90 -12.07
N LYS A 33 24.63 6.82 -12.52
CA LYS A 33 25.76 6.23 -11.82
C LYS A 33 27.02 7.00 -12.24
N LYS A 34 26.95 7.60 -13.43
CA LYS A 34 28.03 8.38 -14.02
C LYS A 34 28.36 9.61 -13.19
N TYR A 35 27.33 10.31 -12.72
CA TYR A 35 27.50 11.51 -11.90
C TYR A 35 28.12 11.10 -10.58
N ASN A 36 29.13 11.83 -10.12
CA ASN A 36 29.73 11.47 -8.85
C ASN A 36 29.71 12.61 -7.81
N ILE A 37 28.50 12.98 -7.43
CA ILE A 37 28.25 14.02 -6.47
C ILE A 37 27.90 13.33 -5.16
N LYS A 38 28.71 13.54 -4.12
CA LYS A 38 28.46 12.90 -2.83
C LYS A 38 27.06 13.15 -2.29
N GLU A 39 26.56 14.37 -2.44
CA GLU A 39 25.23 14.70 -1.94
C GLU A 39 24.19 13.83 -2.62
N LEU A 40 24.43 13.52 -3.89
CA LEU A 40 23.54 12.69 -4.69
C LEU A 40 23.57 11.23 -4.21
N ASP A 41 24.76 10.68 -4.05
CA ASP A 41 24.91 9.29 -3.60
C ASP A 41 24.11 9.06 -2.33
N GLU A 42 24.25 9.98 -1.37
CA GLU A 42 23.55 9.87 -0.10
C GLU A 42 22.03 9.92 -0.23
N SER A 43 21.53 10.58 -1.27
CA SER A 43 20.10 10.65 -1.52
C SER A 43 19.68 9.35 -2.17
N LEU A 44 20.51 8.85 -3.08
CA LEU A 44 20.22 7.60 -3.75
C LEU A 44 20.15 6.50 -2.69
N SER A 45 21.19 6.42 -1.87
CA SER A 45 21.24 5.42 -0.83
C SER A 45 20.04 5.47 0.10
N HIS A 46 19.48 6.66 0.31
CA HIS A 46 18.32 6.78 1.19
C HIS A 46 17.11 6.15 0.51
N LEU A 47 16.95 6.47 -0.77
CA LEU A 47 15.86 5.97 -1.58
C LEU A 47 15.88 4.45 -1.51
N SER A 48 17.03 3.87 -1.83
CA SER A 48 17.20 2.42 -1.82
C SER A 48 16.94 1.83 -0.45
N ARG A 49 17.36 2.56 0.57
CA ARG A 49 17.19 2.12 1.94
C ARG A 49 15.71 1.97 2.23
N ILE A 50 14.97 3.04 1.96
CA ILE A 50 13.53 3.07 2.18
C ILE A 50 12.77 2.10 1.27
N THR A 51 13.25 1.95 0.05
CA THR A 51 12.63 1.04 -0.90
C THR A 51 12.78 -0.41 -0.46
N LEU A 52 14.00 -0.74 -0.01
CA LEU A 52 14.29 -2.08 0.47
C LEU A 52 13.51 -2.38 1.73
N ASP A 53 13.47 -1.42 2.65
CA ASP A 53 12.72 -1.60 3.90
C ASP A 53 11.22 -1.71 3.66
N LEU A 54 10.72 -1.02 2.64
CA LEU A 54 9.30 -1.08 2.30
C LEU A 54 8.96 -2.48 1.82
N GLN A 55 9.81 -3.02 0.94
CA GLN A 55 9.59 -4.35 0.41
C GLN A 55 9.56 -5.36 1.56
N ASN A 56 10.48 -5.21 2.51
CA ASN A 56 10.61 -6.06 3.69
C ASN A 56 9.30 -6.17 4.48
N VAL A 57 8.71 -5.01 4.78
CA VAL A 57 7.47 -4.93 5.55
C VAL A 57 6.29 -5.57 4.84
N VAL A 58 6.26 -5.50 3.51
CA VAL A 58 5.17 -6.10 2.78
C VAL A 58 5.33 -7.60 2.84
N MET A 59 6.58 -8.04 2.78
CA MET A 59 6.92 -9.45 2.86
C MET A 59 6.50 -10.01 4.21
N LYS A 60 6.88 -9.31 5.29
CA LYS A 60 6.51 -9.72 6.64
C LYS A 60 4.99 -9.93 6.76
N ILE A 61 4.22 -9.07 6.10
CA ILE A 61 2.77 -9.12 6.11
C ILE A 61 2.26 -10.34 5.35
N ARG A 62 2.97 -10.68 4.27
CA ARG A 62 2.57 -11.79 3.41
C ARG A 62 3.31 -13.12 3.57
N MET A 63 4.56 -13.10 3.98
CA MET A 63 5.31 -14.34 4.12
C MET A 63 4.93 -15.17 5.34
N VAL A 64 5.20 -16.47 5.23
CA VAL A 64 4.92 -17.48 6.26
C VAL A 64 5.85 -18.66 5.96
N PRO A 65 6.46 -19.26 7.00
CA PRO A 65 7.37 -20.40 6.77
C PRO A 65 6.60 -21.60 6.22
N ILE A 66 7.17 -22.25 5.20
CA ILE A 66 6.55 -23.41 4.56
C ILE A 66 6.39 -24.58 5.53
N SER A 67 6.87 -24.38 6.76
CA SER A 67 6.78 -25.38 7.82
C SER A 67 5.32 -25.77 7.93
N PHE A 68 4.46 -24.74 7.96
CA PHE A 68 3.01 -24.90 8.09
C PHE A 68 2.46 -26.06 7.31
N VAL A 69 2.80 -26.12 6.03
CA VAL A 69 2.35 -27.20 5.15
C VAL A 69 3.19 -28.47 5.31
N PHE A 70 4.52 -28.30 5.38
CA PHE A 70 5.45 -29.42 5.50
C PHE A 70 5.29 -30.32 6.73
N ASN A 71 5.12 -29.71 7.90
CA ASN A 71 4.98 -30.41 9.17
C ASN A 71 4.08 -31.66 9.24
N ARG A 72 2.97 -31.65 8.53
CA ARG A 72 2.05 -32.78 8.57
C ARG A 72 2.41 -33.96 7.70
N PHE A 73 3.38 -33.79 6.81
CA PHE A 73 3.80 -34.86 5.89
C PHE A 73 4.49 -36.13 6.43
N PRO A 74 5.49 -36.00 7.33
CA PRO A 74 6.14 -37.22 7.82
C PRO A 74 5.19 -38.30 8.31
N ARG A 75 4.22 -37.93 9.14
CA ARG A 75 3.24 -38.89 9.65
C ARG A 75 2.42 -39.44 8.48
N MET A 76 2.00 -38.57 7.57
CA MET A 76 1.21 -39.01 6.43
C MET A 76 2.03 -39.95 5.57
N VAL A 77 3.32 -39.67 5.45
CA VAL A 77 4.23 -40.51 4.65
C VAL A 77 4.46 -41.86 5.35
N ARG A 78 4.58 -41.80 6.68
CA ARG A 78 4.77 -42.97 7.53
C ARG A 78 3.60 -43.92 7.30
N ASP A 79 2.40 -43.36 7.32
CA ASP A 79 1.17 -44.13 7.12
C ASP A 79 0.94 -44.59 5.70
N LEU A 80 1.30 -43.78 4.71
CA LEU A 80 1.16 -44.18 3.31
C LEU A 80 2.09 -45.36 3.07
N ALA A 81 3.19 -45.38 3.82
CA ALA A 81 4.20 -46.44 3.73
C ALA A 81 3.71 -47.77 4.29
N LYS A 82 2.98 -47.73 5.41
CA LYS A 82 2.44 -48.94 6.04
C LYS A 82 1.44 -49.65 5.11
N LYS A 83 0.47 -48.90 4.60
CA LYS A 83 -0.57 -49.41 3.71
C LYS A 83 -0.02 -50.16 2.48
N MET A 84 1.11 -49.70 1.96
CA MET A 84 1.73 -50.29 0.78
C MET A 84 2.88 -51.26 1.07
N ASN A 85 2.90 -51.81 2.28
CA ASN A 85 3.93 -52.74 2.76
C ASN A 85 5.34 -52.48 2.21
N LYS A 86 5.80 -51.25 2.38
CA LYS A 86 7.14 -50.84 1.95
C LYS A 86 7.71 -49.72 2.84
N GLU A 87 8.93 -49.93 3.33
CA GLU A 87 9.60 -48.98 4.20
C GLU A 87 10.26 -47.92 3.35
N VAL A 88 10.19 -46.68 3.82
CA VAL A 88 10.75 -45.54 3.11
C VAL A 88 11.45 -44.58 4.08
N ASN A 89 12.60 -44.04 3.65
CA ASN A 89 13.32 -43.05 4.45
C ASN A 89 12.93 -41.67 3.90
N PHE A 90 12.05 -40.99 4.63
CA PHE A 90 11.56 -39.67 4.23
C PHE A 90 12.42 -38.56 4.81
N ILE A 91 12.81 -37.64 3.93
CA ILE A 91 13.65 -36.53 4.34
C ILE A 91 13.09 -35.23 3.80
N MET A 92 12.92 -34.25 4.70
CA MET A 92 12.43 -32.92 4.32
C MET A 92 13.59 -31.93 4.54
N ARG A 93 13.67 -30.90 3.71
CA ARG A 93 14.75 -29.93 3.82
C ARG A 93 14.19 -28.53 3.59
N GLY A 94 14.75 -27.55 4.30
CA GLY A 94 14.33 -26.17 4.16
C GLY A 94 12.89 -25.89 4.51
N GLU A 95 12.43 -26.48 5.62
CA GLU A 95 11.07 -26.29 6.10
C GLU A 95 10.83 -24.87 6.60
N ASP A 96 11.93 -24.17 6.89
CA ASP A 96 11.86 -22.80 7.36
C ASP A 96 11.73 -21.80 6.20
N THR A 97 11.84 -22.28 4.96
CA THR A 97 11.71 -21.45 3.76
C THR A 97 10.35 -20.77 3.75
N GLU A 98 10.35 -19.44 3.61
CA GLU A 98 9.12 -18.64 3.59
C GLU A 98 8.43 -18.49 2.24
N LEU A 99 7.09 -18.43 2.29
CA LEU A 99 6.27 -18.27 1.09
C LEU A 99 5.01 -17.50 1.45
N ASP A 100 4.26 -17.10 0.43
CA ASP A 100 3.03 -16.35 0.63
C ASP A 100 1.93 -17.16 1.32
N ARG A 101 1.31 -16.54 2.33
CA ARG A 101 0.25 -17.18 3.09
C ARG A 101 -0.80 -17.84 2.18
N THR A 102 -1.01 -17.23 1.01
CA THR A 102 -1.98 -17.72 0.03
C THR A 102 -1.63 -19.13 -0.45
N PHE A 103 -0.33 -19.38 -0.55
CA PHE A 103 0.16 -20.66 -1.01
C PHE A 103 0.00 -21.81 -0.05
N VAL A 104 0.07 -21.57 1.25
CA VAL A 104 -0.03 -22.65 2.23
C VAL A 104 -1.24 -23.53 2.07
N GLU A 105 -2.41 -22.92 2.03
CA GLU A 105 -3.65 -23.66 1.90
C GLU A 105 -3.74 -24.45 0.60
N GLU A 106 -3.24 -23.87 -0.48
CA GLU A 106 -3.32 -24.51 -1.79
C GLU A 106 -2.25 -25.48 -2.23
N ILE A 107 -1.02 -25.30 -1.76
CA ILE A 107 0.08 -26.19 -2.17
C ILE A 107 0.10 -27.51 -1.41
N GLY A 108 -0.65 -27.56 -0.31
CA GLY A 108 -0.70 -28.74 0.53
C GLY A 108 -1.14 -30.05 -0.11
N GLU A 109 -2.28 -30.04 -0.79
CA GLU A 109 -2.78 -31.24 -1.43
C GLU A 109 -1.94 -31.64 -2.65
N PRO A 110 -1.52 -30.68 -3.50
CA PRO A 110 -0.71 -31.07 -4.66
C PRO A 110 0.59 -31.74 -4.21
N LEU A 111 1.16 -31.28 -3.10
CA LEU A 111 2.39 -31.86 -2.59
C LEU A 111 2.18 -33.28 -2.09
N LEU A 112 1.02 -33.55 -1.51
CA LEU A 112 0.73 -34.88 -0.98
C LEU A 112 0.61 -35.88 -2.12
N HIS A 113 0.03 -35.45 -3.23
CA HIS A 113 -0.14 -36.32 -4.39
C HIS A 113 1.23 -36.77 -4.90
N LEU A 114 2.20 -35.84 -4.90
CA LEU A 114 3.55 -36.14 -5.36
C LEU A 114 4.23 -37.15 -4.42
N LEU A 115 4.02 -36.99 -3.12
CA LEU A 115 4.59 -37.90 -2.12
C LEU A 115 3.93 -39.27 -2.26
N ARG A 116 2.59 -39.30 -2.35
CA ARG A 116 1.86 -40.55 -2.52
C ARG A 116 2.28 -41.20 -3.82
N ASN A 117 2.29 -40.42 -4.89
CA ASN A 117 2.69 -40.89 -6.21
C ASN A 117 4.06 -41.60 -6.14
N ALA A 118 4.99 -40.98 -5.45
CA ALA A 118 6.33 -41.55 -5.29
C ALA A 118 6.25 -42.90 -4.58
N ILE A 119 5.47 -42.97 -3.51
CA ILE A 119 5.32 -44.20 -2.74
C ILE A 119 4.62 -45.35 -3.49
N ASP A 120 3.86 -45.04 -4.53
CA ASP A 120 3.18 -46.09 -5.28
C ASP A 120 4.00 -46.55 -6.49
N HIS A 121 4.06 -45.67 -7.47
CA HIS A 121 4.74 -45.94 -8.74
C HIS A 121 6.20 -45.50 -8.82
N GLY A 122 6.73 -45.05 -7.69
CA GLY A 122 8.12 -44.63 -7.64
C GLY A 122 8.92 -45.74 -7.00
N ILE A 123 8.96 -45.74 -5.67
CA ILE A 123 9.68 -46.76 -4.92
C ILE A 123 9.01 -48.11 -5.22
N GLU A 124 9.81 -49.07 -5.65
CA GLU A 124 9.32 -50.40 -6.00
C GLU A 124 9.29 -51.40 -4.84
N PRO A 125 8.66 -52.57 -5.04
CA PRO A 125 8.58 -53.59 -3.98
C PRO A 125 9.95 -54.12 -3.64
N LYS A 126 10.10 -54.64 -2.43
CA LYS A 126 11.38 -55.17 -1.97
C LYS A 126 11.99 -56.16 -2.95
N GLU A 127 11.13 -56.81 -3.73
CA GLU A 127 11.56 -57.79 -4.71
C GLU A 127 12.39 -57.15 -5.82
N GLU A 128 11.78 -56.16 -6.49
CA GLU A 128 12.44 -55.44 -7.58
C GLU A 128 13.62 -54.67 -7.05
N ARG A 129 13.41 -54.09 -5.88
CA ARG A 129 14.42 -53.31 -5.18
C ARG A 129 15.71 -54.12 -5.15
N ILE A 130 15.59 -55.38 -4.73
CA ILE A 130 16.72 -56.29 -4.62
C ILE A 130 17.23 -56.77 -5.98
N ALA A 131 16.30 -56.99 -6.90
CA ALA A 131 16.67 -57.47 -8.24
C ALA A 131 17.57 -56.47 -8.98
N LYS A 132 17.31 -55.19 -8.79
CA LYS A 132 18.11 -54.14 -9.43
C LYS A 132 19.31 -53.81 -8.54
N GLY A 133 19.41 -54.50 -7.42
CA GLY A 133 20.52 -54.30 -6.51
C GLY A 133 20.55 -52.94 -5.87
N LYS A 134 19.38 -52.40 -5.55
CA LYS A 134 19.28 -51.10 -4.90
C LYS A 134 19.03 -51.34 -3.40
N PRO A 135 19.40 -50.38 -2.52
CA PRO A 135 19.17 -50.60 -1.09
C PRO A 135 17.73 -50.99 -0.74
N PRO A 136 17.55 -51.94 0.21
CA PRO A 136 16.22 -52.38 0.60
C PRO A 136 15.26 -51.22 0.94
N ILE A 137 15.76 -50.26 1.72
CA ILE A 137 14.95 -49.10 2.11
C ILE A 137 15.04 -48.03 1.01
N GLY A 138 13.89 -47.56 0.54
CA GLY A 138 13.87 -46.53 -0.50
C GLY A 138 14.07 -45.14 0.07
N THR A 139 14.37 -44.16 -0.79
CA THR A 139 14.58 -42.79 -0.36
C THR A 139 13.61 -41.79 -0.99
N LEU A 140 12.95 -41.01 -0.14
CA LEU A 140 11.99 -40.00 -0.56
C LEU A 140 12.38 -38.68 0.08
N ILE A 141 12.61 -37.65 -0.74
CA ILE A 141 13.01 -36.35 -0.23
C ILE A 141 12.15 -35.16 -0.69
N LEU A 142 11.70 -34.37 0.27
CA LEU A 142 10.89 -33.19 -0.03
C LEU A 142 11.70 -31.96 0.34
N SER A 143 12.08 -31.20 -0.68
CA SER A 143 12.89 -30.00 -0.48
C SER A 143 12.17 -28.70 -0.76
N ALA A 144 12.59 -27.66 -0.05
CA ALA A 144 12.06 -26.32 -0.19
C ALA A 144 13.19 -25.31 -0.03
N ARG A 145 13.20 -24.29 -0.88
CA ARG A 145 14.25 -23.30 -0.81
C ARG A 145 13.95 -22.14 -1.75
N HIS A 146 14.70 -21.04 -1.56
CA HIS A 146 14.58 -19.85 -2.39
C HIS A 146 15.69 -19.82 -3.43
N GLU A 147 15.33 -19.35 -4.61
CA GLU A 147 16.27 -19.25 -5.71
C GLU A 147 15.75 -18.14 -6.62
N GLY A 148 16.46 -17.02 -6.60
CA GLY A 148 16.04 -15.88 -7.41
C GLY A 148 14.75 -15.33 -6.84
N ASN A 149 13.73 -15.18 -7.68
CA ASN A 149 12.45 -14.67 -7.24
C ASN A 149 11.45 -15.84 -7.14
N ASN A 150 11.97 -17.02 -6.84
CA ASN A 150 11.14 -18.19 -6.73
C ASN A 150 11.36 -19.09 -5.52
N VAL A 151 10.25 -19.55 -4.96
CA VAL A 151 10.25 -20.46 -3.84
C VAL A 151 10.28 -21.81 -4.54
N VAL A 152 11.43 -22.47 -4.54
CA VAL A 152 11.56 -23.76 -5.21
C VAL A 152 11.24 -24.94 -4.32
N ILE A 153 10.45 -25.86 -4.85
CA ILE A 153 10.06 -27.08 -4.15
C ILE A 153 10.27 -28.29 -5.06
N GLU A 154 10.97 -29.30 -4.54
CA GLU A 154 11.27 -30.54 -5.28
C GLU A 154 10.97 -31.79 -4.45
N VAL A 155 10.53 -32.85 -5.13
CA VAL A 155 10.24 -34.12 -4.47
C VAL A 155 11.11 -35.13 -5.22
N GLU A 156 12.09 -35.72 -4.54
CA GLU A 156 12.99 -36.69 -5.16
C GLU A 156 12.87 -38.10 -4.60
N ASP A 157 13.12 -39.09 -5.46
CA ASP A 157 13.06 -40.51 -5.08
C ASP A 157 13.98 -41.35 -5.96
N ASP A 158 14.33 -42.54 -5.46
CA ASP A 158 15.17 -43.47 -6.20
C ASP A 158 14.34 -44.70 -6.60
N GLY A 159 13.21 -44.42 -7.24
CA GLY A 159 12.33 -45.48 -7.67
C GLY A 159 12.73 -46.07 -9.00
N ARG A 160 11.72 -46.52 -9.74
CA ARG A 160 11.89 -47.16 -11.05
C ARG A 160 12.05 -46.20 -12.23
N GLY A 161 11.96 -44.90 -11.96
CA GLY A 161 12.09 -43.93 -13.01
C GLY A 161 10.78 -43.70 -13.75
N ILE A 162 10.83 -43.76 -15.08
CA ILE A 162 9.64 -43.53 -15.91
C ILE A 162 9.58 -44.38 -17.20
N ASP A 163 10.75 -44.65 -17.79
CA ASP A 163 10.86 -45.42 -19.03
C ASP A 163 10.12 -44.70 -20.13
N LYS A 164 10.82 -43.75 -20.79
CA LYS A 164 10.25 -42.94 -21.85
C LYS A 164 9.55 -43.69 -22.97
N GLU A 165 10.02 -44.90 -23.26
CA GLU A 165 9.40 -45.74 -24.32
C GLU A 165 7.96 -46.16 -24.00
N LYS A 166 7.68 -46.29 -22.70
CA LYS A 166 6.37 -46.64 -22.19
C LYS A 166 5.38 -45.55 -22.59
N ILE A 167 5.85 -44.30 -22.56
CA ILE A 167 5.05 -43.13 -22.91
C ILE A 167 4.87 -42.98 -24.42
N ILE A 168 5.94 -43.25 -25.15
CA ILE A 168 5.89 -43.15 -26.60
C ILE A 168 4.81 -44.08 -27.13
N ARG A 169 4.99 -45.39 -26.95
CA ARG A 169 4.01 -46.35 -27.43
C ARG A 169 2.58 -46.10 -26.92
N LYS A 170 2.45 -45.60 -25.69
CA LYS A 170 1.14 -45.32 -25.12
C LYS A 170 0.47 -44.09 -25.75
N ALA A 171 1.30 -43.10 -26.11
CA ALA A 171 0.82 -41.84 -26.72
C ALA A 171 0.48 -41.97 -28.21
N ILE A 172 1.14 -42.91 -28.89
CA ILE A 172 0.93 -43.16 -30.31
C ILE A 172 -0.51 -43.65 -30.57
N GLU A 173 -1.12 -44.26 -29.54
CA GLU A 173 -2.48 -44.80 -29.62
C GLU A 173 -3.67 -43.84 -29.76
N LYS A 174 -3.84 -42.98 -28.77
CA LYS A 174 -4.97 -42.05 -28.76
C LYS A 174 -4.90 -40.89 -29.73
N GLY A 175 -4.18 -39.84 -29.35
CA GLY A 175 -4.12 -38.67 -30.21
C GLY A 175 -2.78 -38.30 -30.81
N LEU A 176 -2.18 -37.28 -30.21
CA LEU A 176 -0.92 -36.68 -30.63
C LEU A 176 0.16 -37.40 -31.46
N ILE A 177 1.03 -38.20 -30.85
CA ILE A 177 2.09 -38.86 -31.61
C ILE A 177 1.72 -39.73 -32.82
N ASP A 178 2.52 -39.61 -33.89
CA ASP A 178 2.35 -40.42 -35.10
C ASP A 178 3.30 -41.60 -34.91
N GLU A 179 4.60 -41.34 -35.02
CA GLU A 179 5.64 -42.37 -34.81
C GLU A 179 7.06 -41.93 -35.14
N SER A 180 7.25 -41.29 -36.29
CA SER A 180 8.56 -40.81 -36.73
C SER A 180 8.87 -39.46 -36.07
N LYS A 181 7.84 -38.81 -35.52
CA LYS A 181 8.01 -37.53 -34.85
C LYS A 181 8.28 -37.76 -33.37
N ALA A 182 8.17 -39.02 -32.95
CA ALA A 182 8.41 -39.43 -31.57
C ALA A 182 9.91 -39.62 -31.39
N ALA A 183 10.56 -40.19 -32.40
CA ALA A 183 12.01 -40.42 -32.36
C ALA A 183 12.75 -39.10 -32.51
N THR A 184 12.02 -38.06 -32.91
CA THR A 184 12.57 -36.72 -33.10
C THR A 184 12.18 -35.77 -31.95
N LEU A 185 11.52 -36.31 -30.92
CA LEU A 185 11.07 -35.55 -29.77
C LEU A 185 12.11 -35.43 -28.64
N SER A 186 12.16 -34.25 -28.02
CA SER A 186 13.08 -34.01 -26.91
C SER A 186 12.66 -34.87 -25.73
N ASP A 187 13.62 -35.19 -24.87
CA ASP A 187 13.37 -36.02 -23.69
C ASP A 187 12.42 -35.44 -22.64
N GLN A 188 12.23 -34.13 -22.66
CA GLN A 188 11.35 -33.46 -21.70
C GLN A 188 9.89 -33.41 -22.15
N GLU A 189 9.67 -33.46 -23.47
CA GLU A 189 8.32 -33.41 -24.05
C GLU A 189 7.60 -34.76 -24.05
N ILE A 190 8.25 -35.74 -23.45
CA ILE A 190 7.73 -37.09 -23.30
C ILE A 190 7.29 -37.19 -21.84
N LEU A 191 8.06 -36.55 -20.96
CA LEU A 191 7.76 -36.50 -19.53
C LEU A 191 6.64 -35.49 -19.35
N ASN A 192 6.51 -34.60 -20.34
CA ASN A 192 5.48 -33.56 -20.37
C ASN A 192 4.15 -34.18 -20.76
N PHE A 193 4.22 -35.31 -21.45
CA PHE A 193 3.02 -36.05 -21.88
C PHE A 193 2.28 -36.50 -20.63
N LEU A 194 3.06 -36.72 -19.57
CA LEU A 194 2.59 -37.17 -18.26
C LEU A 194 1.51 -36.26 -17.67
N PHE A 195 1.43 -35.05 -18.20
CA PHE A 195 0.45 -34.08 -17.74
C PHE A 195 -0.83 -34.08 -18.57
N VAL A 196 -0.77 -34.64 -19.77
CA VAL A 196 -1.94 -34.71 -20.63
C VAL A 196 -3.00 -35.54 -19.89
N PRO A 197 -4.25 -35.07 -19.86
CA PRO A 197 -5.42 -35.68 -19.21
C PRO A 197 -5.69 -37.17 -19.45
N GLY A 198 -5.29 -37.69 -20.61
CA GLY A 198 -5.51 -39.09 -20.91
C GLY A 198 -4.52 -40.11 -20.36
N PHE A 199 -3.40 -39.65 -19.81
CA PHE A 199 -2.38 -40.54 -19.28
C PHE A 199 -2.56 -41.04 -17.84
N SER A 200 -1.82 -42.10 -17.51
CA SER A 200 -1.82 -42.74 -16.19
C SER A 200 -3.20 -42.91 -15.55
N GLY A 212 -8.34 -42.38 -8.06
CA GLY A 212 -7.50 -41.82 -9.17
C GLY A 212 -7.64 -40.32 -9.34
N VAL A 213 -6.51 -39.64 -9.60
CA VAL A 213 -6.47 -38.18 -9.80
C VAL A 213 -5.68 -37.75 -11.05
N GLY A 214 -4.54 -38.39 -11.32
CA GLY A 214 -3.74 -38.07 -12.49
C GLY A 214 -2.36 -37.47 -12.22
N MET A 215 -2.15 -36.25 -12.69
CA MET A 215 -0.90 -35.48 -12.55
C MET A 215 -1.09 -34.11 -13.20
N ASP A 216 -2.12 -34.05 -14.04
CA ASP A 216 -2.49 -32.83 -14.75
C ASP A 216 -3.10 -31.84 -13.77
N VAL A 217 -3.87 -32.36 -12.81
CA VAL A 217 -4.54 -31.56 -11.81
C VAL A 217 -3.57 -30.88 -10.83
N VAL A 218 -2.41 -31.51 -10.62
CA VAL A 218 -1.38 -30.94 -9.74
C VAL A 218 -0.76 -29.72 -10.41
N LYS A 219 -0.42 -29.85 -11.69
CA LYS A 219 0.16 -28.75 -12.45
C LYS A 219 -0.84 -27.61 -12.61
N ASN A 220 -2.13 -27.95 -12.65
CA ASN A 220 -3.18 -26.94 -12.76
C ASN A 220 -3.13 -26.03 -11.56
N VAL A 221 -3.04 -26.63 -10.39
CA VAL A 221 -3.00 -25.87 -9.15
C VAL A 221 -1.76 -25.00 -9.09
N VAL A 222 -0.58 -25.60 -9.32
CA VAL A 222 0.66 -24.82 -9.27
C VAL A 222 0.65 -23.66 -10.26
N GLU A 223 -0.04 -23.83 -11.37
CA GLU A 223 -0.10 -22.79 -12.38
C GLU A 223 -1.08 -21.68 -12.01
N SER A 224 -2.14 -22.05 -11.30
CA SER A 224 -3.15 -21.08 -10.87
C SER A 224 -2.53 -20.15 -9.82
N LEU A 225 -1.37 -20.56 -9.31
CA LEU A 225 -0.62 -19.79 -8.33
C LEU A 225 0.50 -19.03 -9.04
N ASN A 226 0.52 -19.12 -10.38
CA ASN A 226 1.54 -18.48 -11.22
C ASN A 226 2.89 -19.17 -11.08
N GLY A 227 2.87 -20.45 -10.75
CA GLY A 227 4.08 -21.22 -10.61
C GLY A 227 4.27 -22.16 -11.78
N SER A 228 5.38 -22.90 -11.79
CA SER A 228 5.65 -23.85 -12.88
C SER A 228 6.07 -25.20 -12.32
N MET A 229 5.77 -26.26 -13.05
CA MET A 229 6.10 -27.63 -12.64
C MET A 229 6.99 -28.32 -13.64
N GLY A 230 7.98 -29.08 -13.14
CA GLY A 230 8.89 -29.82 -14.00
C GLY A 230 9.14 -31.25 -13.56
N ILE A 231 9.39 -32.14 -14.52
CA ILE A 231 9.67 -33.56 -14.24
C ILE A 231 11.05 -33.96 -14.75
N GLU A 232 11.73 -34.78 -13.99
CA GLU A 232 13.05 -35.28 -14.36
C GLU A 232 13.09 -36.70 -13.89
N SER A 233 13.39 -37.63 -14.78
CA SER A 233 13.44 -39.03 -14.41
C SER A 233 14.40 -39.85 -15.25
N GLU A 234 14.84 -40.97 -14.70
CA GLU A 234 15.75 -41.88 -15.40
C GLU A 234 15.32 -43.30 -15.04
N LYS A 235 15.17 -44.14 -16.07
CA LYS A 235 14.76 -45.53 -15.90
C LYS A 235 15.53 -46.19 -14.77
N ASP A 236 14.77 -46.75 -13.83
CA ASP A 236 15.29 -47.45 -12.67
C ASP A 236 16.26 -46.70 -11.76
N LYS A 237 16.33 -45.38 -11.91
CA LYS A 237 17.19 -44.58 -11.06
C LYS A 237 16.36 -43.78 -10.07
N GLY A 238 15.37 -43.05 -10.58
CA GLY A 238 14.50 -42.23 -9.74
C GLY A 238 13.75 -41.13 -10.48
N THR A 239 12.97 -40.34 -9.73
CA THR A 239 12.19 -39.25 -10.30
C THR A 239 12.32 -37.98 -9.44
N LYS A 240 12.44 -36.83 -10.10
CA LYS A 240 12.58 -35.54 -9.42
C LYS A 240 11.60 -34.54 -10.01
N VAL A 241 10.53 -34.25 -9.27
CA VAL A 241 9.51 -33.29 -9.72
C VAL A 241 9.75 -31.96 -9.01
N THR A 242 9.87 -30.90 -9.80
CA THR A 242 10.12 -29.56 -9.27
C THR A 242 8.94 -28.62 -9.42
N ILE A 243 8.69 -27.86 -8.36
CA ILE A 243 7.64 -26.85 -8.38
C ILE A 243 8.31 -25.53 -8.05
N ARG A 244 8.08 -24.53 -8.90
CA ARG A 244 8.64 -23.19 -8.73
C ARG A 244 7.48 -22.22 -8.44
N LEU A 245 7.57 -21.52 -7.32
CA LEU A 245 6.55 -20.56 -6.90
C LEU A 245 7.11 -19.13 -6.80
N PRO A 246 6.31 -18.13 -7.16
CA PRO A 246 6.76 -16.74 -7.10
C PRO A 246 7.06 -16.38 -5.65
N LEU A 247 8.20 -15.74 -5.39
CA LEU A 247 8.57 -15.32 -4.03
C LEU A 247 7.85 -14.00 -3.78
N THR A 248 8.12 -13.05 -4.67
CA THR A 248 7.48 -11.74 -4.69
C THR A 248 6.97 -11.77 -6.14
N LEU A 249 6.35 -10.70 -6.63
CA LEU A 249 5.87 -10.71 -8.02
C LEU A 249 7.01 -10.81 -9.05
N ALA A 250 6.73 -11.43 -10.19
CA ALA A 250 7.73 -11.62 -11.25
C ALA A 250 7.91 -10.44 -12.19
N ILE A 251 9.16 -10.02 -12.33
CA ILE A 251 9.53 -8.90 -13.18
C ILE A 251 10.28 -9.46 -14.37
N ILE A 252 9.72 -9.32 -15.55
CA ILE A 252 10.33 -9.82 -16.78
C ILE A 252 10.36 -8.76 -17.86
N CYS A 253 11.32 -8.87 -18.78
CA CYS A 253 11.44 -7.95 -19.90
C CYS A 253 10.48 -8.45 -20.98
N ALA A 254 9.72 -7.52 -21.56
CA ALA A 254 8.77 -7.89 -22.58
C ALA A 254 8.74 -6.94 -23.77
N LEU A 255 8.26 -7.45 -24.90
CA LEU A 255 8.13 -6.67 -26.12
C LEU A 255 6.68 -6.22 -26.21
N LEU A 256 6.47 -4.90 -26.13
CA LEU A 256 5.13 -4.33 -26.22
C LEU A 256 4.70 -4.29 -27.69
N VAL A 257 3.50 -4.82 -27.91
CA VAL A 257 2.91 -4.96 -29.24
C VAL A 257 1.52 -4.32 -29.28
N LYS A 258 1.18 -3.69 -30.40
CA LYS A 258 -0.12 -3.07 -30.54
C LYS A 258 -0.98 -3.80 -31.57
N VAL A 259 -2.24 -4.00 -31.21
CA VAL A 259 -3.21 -4.64 -32.08
C VAL A 259 -4.54 -3.97 -31.78
N ASN A 260 -5.12 -3.37 -32.82
CA ASN A 260 -6.38 -2.66 -32.70
C ASN A 260 -6.36 -1.66 -31.55
N ASN A 261 -5.23 -0.94 -31.45
CA ASN A 261 -5.03 0.09 -30.43
C ASN A 261 -4.83 -0.44 -29.00
N LEU A 262 -4.85 -1.75 -28.81
CA LEU A 262 -4.64 -2.33 -27.49
C LEU A 262 -3.22 -2.88 -27.38
N VAL A 263 -2.64 -2.79 -26.18
CA VAL A 263 -1.28 -3.22 -25.94
C VAL A 263 -1.13 -4.60 -25.26
N TYR A 264 -0.33 -5.45 -25.88
CA TYR A 264 -0.07 -6.78 -25.35
C TYR A 264 1.43 -6.93 -25.15
N ALA A 265 1.82 -7.84 -24.28
CA ALA A 265 3.22 -8.05 -24.02
C ALA A 265 3.68 -9.44 -24.39
N ILE A 266 4.82 -9.51 -25.07
CA ILE A 266 5.40 -10.80 -25.47
C ILE A 266 6.75 -10.92 -24.76
N PRO A 267 6.91 -11.93 -23.89
CA PRO A 267 8.17 -12.15 -23.15
C PRO A 267 9.37 -12.22 -24.08
N ILE A 268 10.32 -11.32 -23.88
CA ILE A 268 11.51 -11.25 -24.71
C ILE A 268 12.26 -12.58 -24.71
N ALA A 269 12.08 -13.36 -23.64
CA ALA A 269 12.73 -14.65 -23.49
C ALA A 269 12.39 -15.58 -24.64
N ASN A 270 11.14 -15.54 -25.07
CA ASN A 270 10.67 -16.41 -26.13
C ASN A 270 10.91 -15.89 -27.55
N ILE A 271 11.32 -14.65 -27.68
CA ILE A 271 11.53 -14.07 -28.99
C ILE A 271 12.83 -14.41 -29.68
N ASP A 272 12.71 -14.79 -30.95
CA ASP A 272 13.83 -15.17 -31.81
C ASP A 272 14.38 -13.97 -32.61
N THR A 273 13.58 -13.47 -33.56
CA THR A 273 13.92 -12.31 -34.39
C THR A 273 12.61 -11.71 -34.93
N ILE A 274 12.66 -10.45 -35.36
CA ILE A 274 11.45 -9.80 -35.89
C ILE A 274 11.57 -9.47 -37.39
N LEU A 275 10.60 -10.00 -38.15
CA LEU A 275 10.55 -9.82 -39.60
C LEU A 275 9.58 -8.73 -40.01
N SER A 276 9.49 -8.53 -41.31
CA SER A 276 8.59 -7.57 -41.90
C SER A 276 8.12 -8.27 -43.16
N ILE A 277 7.19 -9.20 -43.00
CA ILE A 277 6.67 -9.98 -44.12
C ILE A 277 5.55 -9.27 -44.89
N SER A 278 5.32 -9.71 -46.12
CA SER A 278 4.27 -9.13 -46.94
C SER A 278 3.18 -10.16 -47.25
N LYS A 279 2.15 -9.72 -47.97
CA LYS A 279 1.01 -10.56 -48.35
C LYS A 279 1.40 -11.64 -49.37
N GLU A 280 2.24 -11.29 -50.35
CA GLU A 280 2.70 -12.22 -51.37
C GLU A 280 3.63 -13.22 -50.68
N ASP A 281 4.21 -12.76 -49.57
CA ASP A 281 5.15 -13.50 -48.76
C ASP A 281 4.50 -14.63 -47.98
N ILE A 282 3.18 -14.64 -47.97
CA ILE A 282 2.42 -15.67 -47.26
C ILE A 282 1.90 -16.72 -48.23
N GLN A 283 1.96 -17.98 -47.80
CA GLN A 283 1.44 -19.08 -48.60
C GLN A 283 0.78 -20.09 -47.67
N ARG A 284 -0.48 -20.40 -47.97
CA ARG A 284 -1.27 -21.36 -47.19
C ARG A 284 -0.99 -22.80 -47.53
N VAL A 285 -0.82 -23.63 -46.51
CA VAL A 285 -0.59 -25.04 -46.74
C VAL A 285 -1.57 -25.83 -45.89
N GLN A 286 -2.68 -26.22 -46.53
CA GLN A 286 -3.76 -26.97 -45.91
C GLN A 286 -4.56 -26.15 -44.89
N ASP A 287 -4.25 -26.27 -43.60
CA ASP A 287 -5.02 -25.49 -42.63
C ASP A 287 -4.48 -24.10 -42.21
N ARG A 288 -3.16 -23.92 -42.19
CA ARG A 288 -2.61 -22.62 -41.80
C ARG A 288 -1.78 -21.96 -42.91
N ASP A 289 -1.44 -20.69 -42.66
CA ASP A 289 -0.61 -19.90 -43.57
C ASP A 289 0.81 -20.04 -43.07
N VAL A 290 1.77 -19.89 -43.99
CA VAL A 290 3.17 -20.02 -43.62
C VAL A 290 4.08 -19.12 -44.45
N ILE A 291 5.26 -18.85 -43.91
CA ILE A 291 6.30 -18.08 -44.60
C ILE A 291 7.55 -18.91 -44.48
N VAL A 292 8.36 -18.90 -45.53
CA VAL A 292 9.62 -19.63 -45.54
C VAL A 292 10.77 -18.62 -45.38
N ILE A 293 11.65 -18.87 -44.43
CA ILE A 293 12.78 -17.99 -44.16
C ILE A 293 14.08 -18.82 -44.16
N ARG A 294 14.88 -18.65 -45.21
CA ARG A 294 16.14 -19.36 -45.37
C ARG A 294 15.90 -20.86 -45.51
N GLY A 295 14.84 -21.20 -46.22
CA GLY A 295 14.49 -22.59 -46.41
C GLY A 295 13.67 -23.15 -45.28
N GLU A 296 13.42 -22.34 -44.25
CA GLU A 296 12.64 -22.78 -43.09
C GLU A 296 11.17 -22.36 -43.08
N VAL A 297 10.28 -23.34 -42.91
CA VAL A 297 8.84 -23.08 -42.87
C VAL A 297 8.37 -22.64 -41.46
N ILE A 298 7.90 -21.39 -41.38
CA ILE A 298 7.43 -20.78 -40.13
C ILE A 298 5.95 -20.38 -40.25
N PRO A 299 5.04 -21.03 -39.48
CA PRO A 299 3.60 -20.72 -39.52
C PRO A 299 3.26 -19.39 -38.88
N VAL A 300 2.64 -18.50 -39.67
CA VAL A 300 2.25 -17.17 -39.18
C VAL A 300 0.85 -17.18 -38.60
N TYR A 301 0.64 -16.27 -37.65
CA TYR A 301 -0.63 -16.14 -36.97
C TYR A 301 -0.82 -14.65 -36.74
N ARG A 302 -1.97 -14.14 -37.15
CA ARG A 302 -2.30 -12.75 -36.96
C ARG A 302 -2.88 -12.67 -35.56
N LEU A 303 -2.29 -11.87 -34.69
CA LEU A 303 -2.79 -11.78 -33.32
C LEU A 303 -4.28 -11.48 -33.23
N TRP A 304 -4.79 -10.63 -34.13
CA TRP A 304 -6.21 -10.28 -34.11
C TRP A 304 -7.13 -11.41 -34.48
N GLU A 305 -6.61 -12.40 -35.20
CA GLU A 305 -7.43 -13.54 -35.56
C GLU A 305 -7.46 -14.47 -34.35
N VAL A 306 -6.36 -14.50 -33.61
CA VAL A 306 -6.24 -15.34 -32.43
C VAL A 306 -7.08 -14.82 -31.25
N LEU A 307 -7.24 -13.50 -31.16
CA LEU A 307 -8.00 -12.90 -30.08
C LEU A 307 -9.47 -12.59 -30.41
N GLN A 308 -9.99 -13.21 -31.47
CA GLN A 308 -11.37 -13.02 -31.90
C GLN A 308 -11.68 -11.58 -32.25
N ILE A 309 -10.68 -10.81 -32.66
CA ILE A 309 -10.89 -9.42 -32.98
C ILE A 309 -11.15 -9.17 -34.49
N GLU A 310 -11.24 -7.90 -34.88
CA GLU A 310 -11.53 -7.56 -36.26
C GLU A 310 -10.38 -6.89 -37.03
N HIS A 311 -10.47 -6.96 -38.36
CA HIS A 311 -9.49 -6.37 -39.25
C HIS A 311 -9.62 -4.84 -39.23
N LYS A 312 -8.48 -4.17 -39.30
CA LYS A 312 -8.44 -2.70 -39.33
C LYS A 312 -7.30 -2.25 -40.23
N GLU A 313 -7.54 -2.34 -41.54
CA GLU A 313 -6.57 -1.95 -42.56
C GLU A 313 -5.39 -2.92 -42.64
N GLU A 314 -5.37 -3.79 -43.63
CA GLU A 314 -4.25 -4.72 -43.76
C GLU A 314 -3.08 -4.00 -44.40
N LEU A 315 -2.07 -3.73 -43.58
CA LEU A 315 -0.86 -3.04 -44.03
C LEU A 315 -0.10 -3.97 -44.96
N GLU A 316 0.16 -3.51 -46.19
CA GLU A 316 0.89 -4.32 -47.18
C GLU A 316 2.13 -4.93 -46.55
N GLU A 317 2.76 -4.17 -45.66
CA GLU A 317 3.96 -4.62 -44.96
C GLU A 317 3.57 -4.89 -43.53
N MET A 318 3.54 -6.16 -43.16
CA MET A 318 3.18 -6.53 -41.81
C MET A 318 4.43 -6.86 -41.01
N GLU A 319 4.31 -6.82 -39.68
CA GLU A 319 5.43 -7.12 -38.79
C GLU A 319 5.15 -8.42 -38.03
N ALA A 320 6.05 -9.39 -38.16
CA ALA A 320 5.86 -10.68 -37.53
C ALA A 320 6.88 -11.06 -36.47
N VAL A 321 6.43 -11.03 -35.22
CA VAL A 321 7.27 -11.40 -34.10
C VAL A 321 7.44 -12.89 -34.17
N ILE A 322 8.62 -13.34 -34.58
CA ILE A 322 8.88 -14.79 -34.66
C ILE A 322 9.21 -15.28 -33.26
N VAL A 323 8.34 -16.11 -32.69
CA VAL A 323 8.56 -16.64 -31.35
C VAL A 323 9.24 -17.99 -31.35
N ARG A 324 9.46 -18.57 -30.16
CA ARG A 324 10.16 -19.86 -30.07
C ARG A 324 9.72 -20.78 -28.94
N VAL A 325 9.21 -21.96 -29.30
CA VAL A 325 8.77 -22.99 -28.35
C VAL A 325 9.84 -24.06 -28.40
N GLY A 326 10.37 -24.44 -27.23
CA GLY A 326 11.42 -25.46 -27.10
C GLY A 326 12.23 -25.71 -28.38
N ASN A 327 11.61 -26.53 -29.25
CA ASN A 327 12.22 -26.95 -30.54
C ASN A 327 11.50 -26.49 -31.85
N ARG A 328 10.24 -26.07 -31.72
CA ARG A 328 9.46 -25.63 -32.87
C ARG A 328 9.15 -24.13 -32.73
N LYS A 329 9.23 -23.38 -33.82
CA LYS A 329 8.96 -21.94 -33.76
C LYS A 329 7.82 -21.44 -34.65
N TYR A 330 7.21 -20.32 -34.26
CA TYR A 330 6.08 -19.73 -35.00
C TYR A 330 6.32 -18.24 -35.28
N GLY A 331 5.26 -17.55 -35.70
CA GLY A 331 5.35 -16.13 -36.00
C GLY A 331 4.04 -15.40 -35.71
N ILE A 332 4.11 -14.33 -34.93
CA ILE A 332 2.95 -13.54 -34.54
C ILE A 332 2.84 -12.17 -35.24
N VAL A 333 1.94 -12.09 -36.19
CA VAL A 333 1.73 -10.86 -36.93
C VAL A 333 0.93 -9.87 -36.10
N VAL A 334 1.54 -8.73 -35.83
CA VAL A 334 0.90 -7.69 -35.06
C VAL A 334 0.87 -6.36 -35.82
N ASP A 335 0.06 -5.43 -35.32
CA ASP A 335 -0.09 -4.12 -35.94
C ASP A 335 1.15 -3.24 -35.77
N ASP A 336 1.61 -3.08 -34.53
CA ASP A 336 2.79 -2.28 -34.25
C ASP A 336 3.68 -2.87 -33.19
N LEU A 337 4.88 -2.31 -33.09
CA LEU A 337 5.86 -2.74 -32.11
C LEU A 337 6.20 -1.55 -31.25
N LEU A 338 5.52 -1.41 -30.12
CA LEU A 338 5.75 -0.28 -29.24
C LEU A 338 7.19 -0.18 -28.69
N GLY A 339 7.81 -1.32 -28.37
CA GLY A 339 9.16 -1.30 -27.84
C GLY A 339 9.31 -2.28 -26.69
N GLN A 340 10.42 -2.19 -25.95
CA GLN A 340 10.68 -3.07 -24.80
C GLN A 340 10.22 -2.47 -23.48
N ASP A 341 10.02 -3.32 -22.48
CA ASP A 341 9.62 -2.86 -21.15
C ASP A 341 9.76 -3.91 -20.05
N ASP A 342 10.25 -3.46 -18.90
CA ASP A 342 10.38 -4.33 -17.73
C ASP A 342 8.99 -4.26 -17.11
N ILE A 343 8.36 -5.42 -16.90
CA ILE A 343 7.00 -5.44 -16.36
C ILE A 343 6.74 -6.34 -15.15
N VAL A 344 5.79 -5.90 -14.34
CA VAL A 344 5.39 -6.60 -13.13
C VAL A 344 4.17 -7.51 -13.37
N ILE A 345 4.34 -8.82 -13.24
CA ILE A 345 3.22 -9.75 -13.46
C ILE A 345 2.33 -9.90 -12.20
N LYS A 346 1.05 -9.58 -12.34
CA LYS A 346 0.10 -9.66 -11.24
C LYS A 346 -0.28 -11.09 -10.86
N SER A 347 -0.68 -11.28 -9.59
CA SER A 347 -1.06 -12.59 -9.07
C SER A 347 -2.47 -13.03 -9.49
N LEU A 348 -2.72 -13.05 -10.78
CA LEU A 348 -4.02 -13.46 -11.29
C LEU A 348 -3.91 -14.85 -11.88
N GLY A 349 -3.31 -15.77 -11.12
CA GLY A 349 -3.16 -17.13 -11.59
C GLY A 349 -4.49 -17.83 -11.84
N LYS A 350 -5.38 -17.79 -10.85
CA LYS A 350 -6.69 -18.42 -10.95
C LYS A 350 -7.47 -17.94 -12.19
N VAL A 351 -7.33 -16.66 -12.50
CA VAL A 351 -8.02 -16.03 -13.61
C VAL A 351 -7.54 -16.45 -15.00
N PHE A 352 -6.23 -16.36 -15.24
CA PHE A 352 -5.64 -16.69 -16.54
C PHE A 352 -5.31 -18.16 -16.81
N SER A 353 -5.31 -19.00 -15.76
CA SER A 353 -4.98 -20.42 -15.93
C SER A 353 -5.97 -21.14 -16.84
N GLU A 354 -7.17 -20.58 -16.95
CA GLU A 354 -8.23 -21.15 -17.77
C GLU A 354 -8.17 -20.67 -19.21
N VAL A 355 -7.50 -19.54 -19.43
CA VAL A 355 -7.37 -18.96 -20.76
C VAL A 355 -6.15 -19.49 -21.48
N LYS A 356 -6.35 -19.90 -22.74
CA LYS A 356 -5.28 -20.43 -23.58
C LYS A 356 -4.50 -19.29 -24.20
N GLU A 357 -5.21 -18.23 -24.54
CA GLU A 357 -4.60 -17.07 -25.19
C GLU A 357 -3.60 -16.27 -24.35
N PHE A 358 -3.90 -16.05 -23.07
CA PHE A 358 -3.00 -15.28 -22.19
C PHE A 358 -2.47 -16.05 -20.98
N SER A 359 -1.31 -15.62 -20.48
CA SER A 359 -0.70 -16.22 -19.30
C SER A 359 -0.82 -15.26 -18.10
N GLY A 360 -1.43 -14.10 -18.31
CA GLY A 360 -1.59 -13.14 -17.24
C GLY A 360 -1.64 -11.69 -17.67
N ALA A 361 -1.68 -10.81 -16.68
CA ALA A 361 -1.73 -9.38 -16.89
C ALA A 361 -0.45 -8.80 -16.29
N ALA A 362 0.09 -7.77 -16.93
CA ALA A 362 1.32 -7.17 -16.44
C ALA A 362 1.13 -5.69 -16.24
N ILE A 363 2.02 -5.11 -15.46
CA ILE A 363 2.00 -3.69 -15.19
C ILE A 363 3.22 -3.11 -15.87
N LEU A 364 2.97 -2.19 -16.80
CA LEU A 364 4.03 -1.55 -17.56
C LEU A 364 4.63 -0.37 -16.76
N GLY A 365 5.70 0.23 -17.27
CA GLY A 365 6.31 1.37 -16.60
C GLY A 365 5.33 2.53 -16.60
N ASP A 366 4.63 2.63 -17.73
CA ASP A 366 3.56 3.59 -17.99
C ASP A 366 2.78 3.68 -16.68
N GLY A 367 2.33 2.52 -16.22
CA GLY A 367 1.54 2.38 -15.02
C GLY A 367 0.30 1.59 -15.42
N SER A 368 0.23 1.30 -16.72
CA SER A 368 -0.88 0.58 -17.35
C SER A 368 -0.78 -0.95 -17.35
N ILE A 369 -1.93 -1.59 -17.58
CA ILE A 369 -2.01 -3.04 -17.61
C ILE A 369 -2.07 -3.54 -19.04
N ALA A 370 -1.26 -4.55 -19.35
CA ALA A 370 -1.19 -5.16 -20.67
C ALA A 370 -1.24 -6.65 -20.48
N LEU A 371 -2.05 -7.33 -21.28
CA LEU A 371 -2.15 -8.77 -21.18
C LEU A 371 -0.87 -9.37 -21.70
N ILE A 372 -0.52 -10.54 -21.18
CA ILE A 372 0.70 -11.20 -21.58
C ILE A 372 0.36 -12.31 -22.53
N ILE A 373 0.78 -12.17 -23.79
CA ILE A 373 0.50 -13.20 -24.79
C ILE A 373 1.19 -14.50 -24.36
N ASN A 374 0.39 -15.56 -24.24
CA ASN A 374 0.90 -16.87 -23.86
C ASN A 374 1.25 -17.62 -25.13
N VAL A 375 2.50 -17.49 -25.56
CA VAL A 375 2.97 -18.12 -26.79
C VAL A 375 2.69 -19.61 -26.93
N SER A 376 2.92 -20.36 -25.85
CA SER A 376 2.69 -21.81 -25.82
C SER A 376 1.25 -22.21 -26.11
N GLY A 377 0.32 -21.35 -25.71
CA GLY A 377 -1.10 -21.62 -25.92
C GLY A 377 -1.60 -21.19 -27.28
N ILE A 378 -0.67 -20.79 -28.15
CA ILE A 378 -1.00 -20.38 -29.51
C ILE A 378 -0.07 -21.16 -30.43
N VAL A 379 -0.48 -22.39 -30.71
CA VAL A 379 0.27 -23.30 -31.55
C VAL A 379 -0.63 -23.93 -32.61
N SER B 1 -11.85 -15.71 -1.65
CA SER B 1 -10.89 -14.64 -1.26
C SER B 1 -11.55 -13.58 -0.39
N GLN B 2 -11.46 -13.77 0.92
CA GLN B 2 -12.05 -12.83 1.88
C GLN B 2 -11.05 -11.75 2.29
N THR B 3 -10.71 -11.77 3.58
CA THR B 3 -9.79 -10.80 4.15
C THR B 3 -8.74 -11.47 5.02
N VAL B 4 -7.76 -10.67 5.41
CA VAL B 4 -6.66 -11.14 6.24
C VAL B 4 -6.42 -10.14 7.38
N ARG B 5 -6.18 -10.66 8.58
CA ARG B 5 -5.90 -9.78 9.71
C ARG B 5 -4.40 -9.55 9.84
N VAL B 6 -4.01 -8.29 9.66
CA VAL B 6 -2.60 -7.90 9.72
C VAL B 6 -2.33 -7.15 11.03
N ASP B 7 -1.17 -7.42 11.64
CA ASP B 7 -0.77 -6.76 12.88
C ASP B 7 -0.62 -5.28 12.59
N ILE B 8 -1.09 -4.45 13.51
CA ILE B 8 -0.95 -3.02 13.30
C ILE B 8 0.50 -2.56 13.44
N GLU B 9 1.33 -3.41 14.04
CA GLU B 9 2.76 -3.12 14.23
C GLU B 9 3.42 -3.08 12.86
N LYS B 10 2.97 -3.94 11.96
CA LYS B 10 3.51 -3.99 10.61
C LYS B 10 2.86 -2.88 9.78
N LEU B 11 1.54 -2.72 9.93
CA LEU B 11 0.84 -1.68 9.21
C LEU B 11 1.36 -0.29 9.61
N ASP B 12 1.91 -0.20 10.82
CA ASP B 12 2.43 1.08 11.28
C ASP B 12 3.78 1.36 10.65
N ASN B 13 4.54 0.31 10.40
CA ASN B 13 5.82 0.48 9.73
C ASN B 13 5.55 1.01 8.33
N LEU B 14 4.46 0.59 7.71
CA LEU B 14 4.10 1.03 6.37
C LEU B 14 3.80 2.51 6.38
N MET B 15 3.19 2.98 7.45
CA MET B 15 2.85 4.38 7.61
C MET B 15 4.13 5.23 7.69
N ASP B 16 5.05 4.79 8.55
CA ASP B 16 6.30 5.49 8.73
C ASP B 16 7.15 5.44 7.47
N LEU B 17 7.25 4.25 6.86
CA LEU B 17 8.04 4.09 5.65
C LEU B 17 7.51 4.90 4.48
N MET B 18 6.20 4.98 4.37
CA MET B 18 5.61 5.75 3.31
C MET B 18 5.93 7.22 3.51
N GLY B 19 6.04 7.63 4.78
CA GLY B 19 6.39 9.01 5.05
C GLY B 19 7.77 9.30 4.51
N GLU B 20 8.71 8.46 4.92
CA GLU B 20 10.09 8.58 4.51
C GLU B 20 10.27 8.58 3.00
N LEU B 21 9.45 7.79 2.29
CA LEU B 21 9.55 7.69 0.84
C LEU B 21 9.22 9.02 0.18
N VAL B 22 8.17 9.66 0.67
CA VAL B 22 7.73 10.94 0.14
C VAL B 22 8.83 11.95 0.36
N ILE B 23 9.34 11.98 1.58
CA ILE B 23 10.40 12.88 1.95
C ILE B 23 11.65 12.55 1.16
N ALA B 24 11.90 11.25 0.98
CA ALA B 24 13.07 10.79 0.23
C ALA B 24 13.00 11.18 -1.25
N ARG B 25 11.77 11.28 -1.76
CA ARG B 25 11.55 11.67 -3.14
C ARG B 25 11.86 13.15 -3.32
N SER B 26 11.34 13.98 -2.42
CA SER B 26 11.59 15.42 -2.50
C SER B 26 13.07 15.70 -2.31
N ARG B 27 13.72 14.95 -1.42
CA ARG B 27 15.13 15.13 -1.18
C ARG B 27 15.90 14.96 -2.48
N ILE B 28 15.75 13.79 -3.11
CA ILE B 28 16.44 13.50 -4.37
C ILE B 28 16.14 14.53 -5.47
N LEU B 29 14.88 14.88 -5.66
CA LEU B 29 14.47 15.87 -6.67
C LEU B 29 15.19 17.19 -6.43
N GLU B 30 15.18 17.63 -5.18
CA GLU B 30 15.83 18.88 -4.80
C GLU B 30 17.31 18.89 -5.15
N THR B 31 18.03 17.84 -4.72
CA THR B 31 19.45 17.73 -5.00
C THR B 31 19.73 17.64 -6.51
N LEU B 32 18.77 17.11 -7.27
CA LEU B 32 18.91 17.01 -8.71
C LEU B 32 18.82 18.41 -9.27
N LYS B 33 17.77 19.14 -8.90
CA LYS B 33 17.53 20.52 -9.33
C LYS B 33 18.72 21.42 -9.01
N LYS B 34 19.38 21.14 -7.88
CA LYS B 34 20.55 21.91 -7.46
C LYS B 34 21.69 21.74 -8.45
N TYR B 35 22.20 20.52 -8.58
CA TYR B 35 23.29 20.25 -9.50
C TYR B 35 22.88 20.19 -10.98
N ASN B 36 21.63 20.54 -11.25
CA ASN B 36 21.09 20.58 -12.61
C ASN B 36 21.16 19.28 -13.43
N ILE B 37 20.17 18.42 -13.26
CA ILE B 37 20.08 17.15 -14.00
C ILE B 37 18.75 17.16 -14.75
N LYS B 38 18.73 16.62 -15.98
CA LYS B 38 17.51 16.64 -16.77
C LYS B 38 17.01 15.33 -17.38
N GLU B 39 17.94 14.43 -17.73
CA GLU B 39 17.58 13.16 -18.34
C GLU B 39 16.69 12.25 -17.48
N LEU B 40 16.68 12.49 -16.18
CA LEU B 40 15.91 11.67 -15.24
C LEU B 40 14.43 12.02 -15.05
N ASP B 41 13.80 12.64 -16.03
CA ASP B 41 12.40 13.03 -15.86
C ASP B 41 11.31 11.96 -15.98
N GLU B 42 11.51 10.96 -16.84
CA GLU B 42 10.51 9.88 -17.01
C GLU B 42 10.51 8.89 -15.83
N SER B 43 11.70 8.44 -15.46
CA SER B 43 11.88 7.48 -14.37
C SER B 43 11.49 8.12 -13.04
N LEU B 44 11.64 9.44 -12.98
CA LEU B 44 11.29 10.20 -11.78
C LEU B 44 9.77 10.32 -11.72
N SER B 45 9.14 10.52 -12.87
CA SER B 45 7.69 10.65 -12.93
C SER B 45 7.04 9.32 -12.53
N HIS B 46 7.69 8.21 -12.88
CA HIS B 46 7.19 6.88 -12.52
C HIS B 46 7.27 6.72 -11.01
N LEU B 47 8.42 7.07 -10.45
CA LEU B 47 8.65 6.97 -9.01
C LEU B 47 7.54 7.67 -8.27
N SER B 48 7.30 8.93 -8.63
CA SER B 48 6.27 9.76 -8.03
C SER B 48 4.86 9.19 -8.16
N ARG B 49 4.59 8.54 -9.30
CA ARG B 49 3.29 7.94 -9.50
C ARG B 49 3.16 6.81 -8.47
N ILE B 50 4.19 5.96 -8.42
CA ILE B 50 4.24 4.81 -7.52
C ILE B 50 4.16 5.25 -6.07
N THR B 51 4.95 6.27 -5.76
CA THR B 51 5.02 6.83 -4.41
C THR B 51 3.65 7.27 -3.96
N LEU B 52 3.01 8.01 -4.86
CA LEU B 52 1.69 8.54 -4.62
C LEU B 52 0.68 7.42 -4.42
N ASP B 53 0.67 6.47 -5.35
CA ASP B 53 -0.24 5.32 -5.30
C ASP B 53 -0.03 4.50 -4.05
N LEU B 54 1.22 4.39 -3.61
CA LEU B 54 1.55 3.63 -2.41
C LEU B 54 0.90 4.29 -1.20
N GLN B 55 1.05 5.61 -1.14
CA GLN B 55 0.47 6.39 -0.05
C GLN B 55 -1.04 6.18 0.04
N ASN B 56 -1.72 6.26 -1.10
CA ASN B 56 -3.17 6.09 -1.15
C ASN B 56 -3.65 4.76 -0.61
N VAL B 57 -3.14 3.69 -1.17
CA VAL B 57 -3.53 2.35 -0.75
C VAL B 57 -3.13 2.10 0.72
N VAL B 58 -2.04 2.72 1.17
CA VAL B 58 -1.61 2.56 2.55
C VAL B 58 -2.57 3.31 3.48
N MET B 59 -3.04 4.45 3.02
CA MET B 59 -3.96 5.23 3.82
C MET B 59 -5.31 4.51 3.82
N LYS B 60 -5.79 4.20 2.63
CA LYS B 60 -7.05 3.51 2.42
C LYS B 60 -7.27 2.34 3.40
N ILE B 61 -6.20 1.59 3.65
CA ILE B 61 -6.24 0.43 4.55
C ILE B 61 -6.67 0.78 5.97
N ARG B 62 -6.14 1.87 6.50
CA ARG B 62 -6.45 2.32 7.86
C ARG B 62 -7.83 2.96 7.90
N MET B 63 -8.34 3.35 6.74
CA MET B 63 -9.62 4.02 6.66
C MET B 63 -10.87 3.22 6.95
N VAL B 64 -11.97 3.96 7.12
CA VAL B 64 -13.25 3.38 7.46
C VAL B 64 -14.35 4.43 7.18
N PRO B 65 -15.60 4.00 6.86
CA PRO B 65 -16.64 5.01 6.61
C PRO B 65 -17.04 5.79 7.88
N ILE B 66 -17.25 7.08 7.74
CA ILE B 66 -17.63 7.90 8.88
C ILE B 66 -18.95 7.46 9.47
N SER B 67 -19.68 6.63 8.73
CA SER B 67 -20.97 6.09 9.16
C SER B 67 -20.82 5.32 10.46
N PHE B 68 -19.58 5.01 10.84
CA PHE B 68 -19.30 4.32 12.09
C PHE B 68 -19.64 5.26 13.25
N VAL B 69 -19.22 6.51 13.14
CA VAL B 69 -19.55 7.47 14.18
C VAL B 69 -20.90 8.12 13.92
N PHE B 70 -21.23 8.40 12.66
CA PHE B 70 -22.49 9.05 12.31
C PHE B 70 -23.76 8.30 12.71
N ASN B 71 -23.79 7.00 12.44
CA ASN B 71 -24.98 6.20 12.72
C ASN B 71 -25.61 6.27 14.10
N ARG B 72 -24.84 6.62 15.11
CA ARG B 72 -25.40 6.72 16.46
C ARG B 72 -26.08 8.05 16.77
N PHE B 73 -25.92 9.03 15.87
CA PHE B 73 -26.48 10.37 16.08
C PHE B 73 -27.99 10.58 16.02
N PRO B 74 -28.68 9.99 15.02
CA PRO B 74 -30.13 10.17 14.92
C PRO B 74 -30.88 9.94 16.23
N ARG B 75 -30.62 8.80 16.86
CA ARG B 75 -31.26 8.46 18.12
C ARG B 75 -30.93 9.51 19.15
N MET B 76 -29.63 9.82 19.25
CA MET B 76 -29.15 10.81 20.21
C MET B 76 -29.81 12.15 20.00
N VAL B 77 -29.95 12.56 18.74
CA VAL B 77 -30.58 13.82 18.38
C VAL B 77 -32.08 13.79 18.69
N ARG B 78 -32.72 12.65 18.42
CA ARG B 78 -34.14 12.49 18.70
C ARG B 78 -34.35 12.66 20.21
N ASP B 79 -33.46 12.05 20.98
CA ASP B 79 -33.49 12.08 22.44
C ASP B 79 -33.22 13.47 23.00
N LEU B 80 -32.23 14.16 22.45
CA LEU B 80 -31.89 15.49 22.93
C LEU B 80 -33.01 16.46 22.57
N ALA B 81 -33.74 16.14 21.50
CA ALA B 81 -34.85 16.97 21.06
C ALA B 81 -36.02 16.83 22.02
N LYS B 82 -36.20 15.64 22.58
CA LYS B 82 -37.27 15.35 23.54
C LYS B 82 -37.11 16.16 24.83
N LYS B 83 -35.93 16.05 25.45
CA LYS B 83 -35.62 16.76 26.69
C LYS B 83 -35.84 18.27 26.62
N MET B 84 -35.59 18.86 25.45
CA MET B 84 -35.73 20.31 25.25
C MET B 84 -37.09 20.77 24.71
N ASN B 85 -38.09 19.90 24.77
CA ASN B 85 -39.45 20.22 24.32
C ASN B 85 -39.46 20.95 22.96
N LYS B 86 -38.74 20.39 21.98
CA LYS B 86 -38.66 20.97 20.63
C LYS B 86 -38.40 19.91 19.57
N GLU B 87 -39.17 19.95 18.48
CA GLU B 87 -38.99 18.98 17.42
C GLU B 87 -37.98 19.47 16.40
N VAL B 88 -37.13 18.55 15.93
CA VAL B 88 -36.08 18.86 14.98
C VAL B 88 -36.07 17.90 13.80
N ASN B 89 -35.79 18.45 12.61
CA ASN B 89 -35.69 17.66 11.39
C ASN B 89 -34.19 17.43 11.20
N PHE B 90 -33.72 16.25 11.58
CA PHE B 90 -32.30 15.92 11.46
C PHE B 90 -31.98 15.22 10.14
N ILE B 91 -30.96 15.73 9.46
CA ILE B 91 -30.53 15.18 8.18
C ILE B 91 -29.03 14.95 8.19
N MET B 92 -28.62 13.76 7.75
CA MET B 92 -27.21 13.39 7.66
C MET B 92 -26.92 13.14 6.18
N ARG B 93 -25.73 13.50 5.73
CA ARG B 93 -25.34 13.31 4.34
C ARG B 93 -23.90 12.85 4.25
N GLY B 94 -23.62 11.97 3.30
CA GLY B 94 -22.27 11.46 3.10
C GLY B 94 -21.76 10.60 4.24
N GLU B 95 -22.60 9.71 4.75
CA GLU B 95 -22.26 8.82 5.84
C GLU B 95 -21.24 7.80 5.37
N ASP B 96 -21.22 7.60 4.06
CA ASP B 96 -20.32 6.68 3.40
C ASP B 96 -18.91 7.23 3.23
N THR B 97 -18.73 8.52 3.52
CA THR B 97 -17.41 9.15 3.38
C THR B 97 -16.39 8.51 4.30
N GLU B 98 -15.25 8.12 3.74
CA GLU B 98 -14.20 7.48 4.51
C GLU B 98 -13.16 8.41 5.11
N LEU B 99 -12.61 7.97 6.23
CA LEU B 99 -11.57 8.69 6.92
C LEU B 99 -10.76 7.72 7.78
N ASP B 100 -9.63 8.17 8.30
CA ASP B 100 -8.78 7.32 9.11
C ASP B 100 -9.42 6.79 10.38
N ARG B 101 -9.24 5.48 10.64
CA ARG B 101 -9.78 4.84 11.84
C ARG B 101 -9.48 5.63 13.11
N THR B 102 -8.31 6.24 13.16
CA THR B 102 -7.89 7.04 14.32
C THR B 102 -8.95 8.08 14.64
N PHE B 103 -9.45 8.74 13.60
CA PHE B 103 -10.43 9.81 13.76
C PHE B 103 -11.80 9.38 14.29
N VAL B 104 -12.22 8.17 13.97
CA VAL B 104 -13.52 7.67 14.40
C VAL B 104 -13.74 7.79 15.90
N GLU B 105 -12.81 7.22 16.65
CA GLU B 105 -12.86 7.22 18.09
C GLU B 105 -12.83 8.63 18.67
N GLU B 106 -12.07 9.52 18.03
CA GLU B 106 -11.88 10.91 18.48
C GLU B 106 -12.91 11.97 18.06
N ILE B 107 -13.40 11.90 16.83
CA ILE B 107 -14.35 12.88 16.31
C ILE B 107 -15.77 12.74 16.84
N GLY B 108 -16.08 11.60 17.45
CA GLY B 108 -17.40 11.32 17.98
C GLY B 108 -17.97 12.29 18.99
N GLU B 109 -17.22 12.55 20.05
CA GLU B 109 -17.66 13.47 21.08
C GLU B 109 -17.73 14.91 20.59
N PRO B 110 -16.71 15.40 19.84
CA PRO B 110 -16.75 16.78 19.35
C PRO B 110 -17.98 17.05 18.49
N LEU B 111 -18.38 16.08 17.68
CA LEU B 111 -19.55 16.24 16.84
C LEU B 111 -20.85 16.24 17.61
N LEU B 112 -20.89 15.55 18.74
CA LEU B 112 -22.12 15.50 19.54
C LEU B 112 -22.33 16.86 20.18
N HIS B 113 -21.23 17.50 20.54
CA HIS B 113 -21.23 18.81 21.15
C HIS B 113 -21.91 19.79 20.20
N LEU B 114 -21.50 19.75 18.93
CA LEU B 114 -22.06 20.65 17.94
C LEU B 114 -23.53 20.39 17.72
N LEU B 115 -23.92 19.13 17.73
CA LEU B 115 -25.31 18.77 17.54
C LEU B 115 -26.13 19.26 18.73
N ARG B 116 -25.67 18.93 19.93
CA ARG B 116 -26.36 19.35 21.14
C ARG B 116 -26.41 20.88 21.16
N ASN B 117 -25.27 21.50 20.88
CA ASN B 117 -25.15 22.97 20.85
C ASN B 117 -26.24 23.57 19.96
N ALA B 118 -26.39 23.00 18.77
CA ALA B 118 -27.39 23.47 17.82
C ALA B 118 -28.80 23.31 18.36
N ILE B 119 -29.12 22.10 18.81
CA ILE B 119 -30.42 21.80 19.36
C ILE B 119 -30.74 22.65 20.58
N ASP B 120 -29.72 22.97 21.36
CA ASP B 120 -29.93 23.73 22.58
C ASP B 120 -30.00 25.25 22.45
N HIS B 121 -28.90 25.87 22.05
CA HIS B 121 -28.85 27.33 21.93
C HIS B 121 -29.01 27.83 20.52
N GLY B 122 -29.05 26.91 19.55
CA GLY B 122 -29.18 27.30 18.17
C GLY B 122 -30.60 27.46 17.65
N ILE B 123 -31.33 26.35 17.54
CA ILE B 123 -32.70 26.43 17.06
C ILE B 123 -33.65 26.88 18.17
N GLU B 124 -34.32 28.01 17.92
CA GLU B 124 -35.26 28.63 18.86
C GLU B 124 -36.48 27.77 19.13
N PRO B 125 -37.18 28.05 20.24
CA PRO B 125 -38.40 27.29 20.60
C PRO B 125 -39.48 27.64 19.56
N LYS B 126 -40.37 26.69 19.27
CA LYS B 126 -41.41 26.88 18.25
C LYS B 126 -42.14 28.20 18.18
N GLU B 127 -42.40 28.80 19.33
CA GLU B 127 -43.09 30.08 19.37
C GLU B 127 -42.27 31.13 18.62
N GLU B 128 -40.99 31.22 18.96
CA GLU B 128 -40.06 32.16 18.36
C GLU B 128 -39.92 32.00 16.86
N ARG B 129 -39.90 30.74 16.38
CA ARG B 129 -39.76 30.45 14.97
C ARG B 129 -40.92 30.96 14.12
N ILE B 130 -42.15 30.84 14.63
CA ILE B 130 -43.31 31.32 13.88
C ILE B 130 -43.32 32.85 13.92
N ALA B 131 -42.74 33.42 14.97
CA ALA B 131 -42.69 34.87 15.12
C ALA B 131 -41.73 35.50 14.11
N LYS B 132 -40.67 34.76 13.77
CA LYS B 132 -39.64 35.19 12.82
C LYS B 132 -40.00 34.72 11.41
N GLY B 133 -41.07 33.92 11.30
CA GLY B 133 -41.53 33.43 10.01
C GLY B 133 -40.71 32.32 9.41
N LYS B 134 -40.02 31.56 10.26
CA LYS B 134 -39.20 30.44 9.81
C LYS B 134 -40.09 29.22 9.96
N PRO B 135 -39.81 28.15 9.20
CA PRO B 135 -40.64 26.94 9.33
C PRO B 135 -40.67 26.57 10.80
N PRO B 136 -41.86 26.37 11.36
CA PRO B 136 -42.02 26.00 12.78
C PRO B 136 -40.99 25.00 13.32
N ILE B 137 -40.71 23.95 12.53
CA ILE B 137 -39.77 22.89 12.90
C ILE B 137 -38.35 23.19 12.45
N GLY B 138 -37.40 23.18 13.39
CA GLY B 138 -36.00 23.45 13.09
C GLY B 138 -35.22 22.36 12.38
N THR B 139 -34.27 22.77 11.54
CA THR B 139 -33.46 21.81 10.78
C THR B 139 -32.01 21.75 11.21
N LEU B 140 -31.47 20.54 11.24
CA LEU B 140 -30.10 20.29 11.65
C LEU B 140 -29.47 19.31 10.66
N ILE B 141 -28.40 19.74 10.00
CA ILE B 141 -27.74 18.87 9.05
C ILE B 141 -26.32 18.52 9.44
N LEU B 142 -26.03 17.23 9.45
CA LEU B 142 -24.70 16.73 9.76
C LEU B 142 -24.24 16.03 8.48
N SER B 143 -23.24 16.62 7.83
CA SER B 143 -22.74 16.04 6.59
C SER B 143 -21.23 15.93 6.50
N ALA B 144 -20.78 15.01 5.66
CA ALA B 144 -19.36 14.77 5.43
C ALA B 144 -19.11 14.49 3.93
N ARG B 145 -17.88 14.72 3.47
CA ARG B 145 -17.51 14.52 2.06
C ARG B 145 -15.98 14.66 1.91
N HIS B 146 -15.48 14.47 0.70
CA HIS B 146 -14.05 14.64 0.44
C HIS B 146 -13.85 15.93 -0.34
N GLU B 147 -13.00 16.82 0.15
CA GLU B 147 -12.72 18.05 -0.56
C GLU B 147 -11.21 18.26 -0.65
N GLY B 148 -10.59 17.49 -1.55
CA GLY B 148 -9.17 17.59 -1.79
C GLY B 148 -8.25 17.28 -0.63
N ASN B 149 -8.03 15.98 -0.37
CA ASN B 149 -7.14 15.53 0.70
C ASN B 149 -7.62 15.90 2.09
N ASN B 150 -8.92 16.16 2.19
CA ASN B 150 -9.54 16.49 3.46
C ASN B 150 -10.93 15.91 3.53
N VAL B 151 -11.35 15.62 4.75
CA VAL B 151 -12.69 15.12 5.02
C VAL B 151 -13.35 16.38 5.62
N VAL B 152 -14.39 16.88 4.96
CA VAL B 152 -15.08 18.07 5.44
C VAL B 152 -16.37 17.70 6.13
N ILE B 153 -16.41 17.88 7.44
CA ILE B 153 -17.61 17.57 8.18
C ILE B 153 -18.30 18.89 8.47
N GLU B 154 -19.61 18.94 8.25
CA GLU B 154 -20.37 20.17 8.49
C GLU B 154 -21.63 19.98 9.33
N VAL B 155 -21.86 20.87 10.29
CA VAL B 155 -23.05 20.84 11.12
C VAL B 155 -23.71 22.19 10.87
N GLU B 156 -24.89 22.15 10.22
CA GLU B 156 -25.63 23.37 9.86
C GLU B 156 -26.99 23.60 10.53
N ASP B 157 -27.27 24.88 10.81
CA ASP B 157 -28.50 25.29 11.48
C ASP B 157 -29.52 26.04 10.66
N ASP B 158 -30.64 26.24 11.31
CA ASP B 158 -31.79 26.95 10.79
C ASP B 158 -32.15 27.91 11.91
N GLY B 159 -31.47 27.75 13.05
CA GLY B 159 -31.72 28.55 14.24
C GLY B 159 -31.47 30.05 14.22
N ARG B 160 -31.30 30.63 15.39
CA ARG B 160 -31.07 32.06 15.51
C ARG B 160 -29.66 32.54 15.24
N GLY B 161 -28.72 31.61 15.04
CA GLY B 161 -27.34 32.00 14.81
C GLY B 161 -26.80 32.77 16.01
N ILE B 162 -25.95 33.77 15.77
CA ILE B 162 -25.41 34.58 16.87
C ILE B 162 -25.09 36.02 16.46
N ASP B 163 -25.45 36.96 17.34
CA ASP B 163 -25.21 38.40 17.10
C ASP B 163 -23.82 38.87 17.51
N LYS B 164 -23.09 39.32 16.49
CA LYS B 164 -21.74 39.82 16.61
C LYS B 164 -21.60 40.94 17.65
N GLU B 165 -22.65 41.75 17.77
CA GLU B 165 -22.62 42.85 18.72
C GLU B 165 -22.69 42.40 20.16
N LYS B 166 -23.28 41.25 20.42
CA LYS B 166 -23.38 40.79 21.80
C LYS B 166 -22.04 40.26 22.32
N ILE B 167 -21.21 39.72 21.42
CA ILE B 167 -19.90 39.18 21.82
C ILE B 167 -18.85 40.28 21.98
N ILE B 168 -18.84 41.25 21.06
CA ILE B 168 -17.88 42.35 21.10
C ILE B 168 -18.00 43.00 22.48
N ARG B 169 -19.23 43.18 22.92
CA ARG B 169 -19.56 43.77 24.21
C ARG B 169 -18.84 43.05 25.38
N LYS B 170 -18.80 41.71 25.33
CA LYS B 170 -18.16 40.94 26.40
C LYS B 170 -16.64 40.92 26.21
N ALA B 171 -16.21 40.96 24.94
CA ALA B 171 -14.80 40.97 24.60
C ALA B 171 -14.20 42.28 25.09
N ILE B 172 -15.08 43.26 25.30
CA ILE B 172 -14.69 44.57 25.78
C ILE B 172 -14.38 44.49 27.27
N GLU B 173 -15.39 44.06 28.04
CA GLU B 173 -15.25 43.97 29.50
C GLU B 173 -13.98 43.30 29.95
N LYS B 174 -13.73 42.09 29.47
CA LYS B 174 -12.51 41.41 29.89
C LYS B 174 -11.38 41.29 28.90
N GLY B 175 -10.51 42.29 28.96
CA GLY B 175 -9.29 42.36 28.18
C GLY B 175 -9.15 42.47 26.67
N LEU B 176 -9.65 41.46 25.95
CA LEU B 176 -9.49 41.38 24.50
C LEU B 176 -9.57 42.63 23.61
N ILE B 177 -10.58 43.49 23.78
CA ILE B 177 -10.70 44.67 22.92
C ILE B 177 -11.05 46.01 23.58
N ASP B 178 -11.09 47.04 22.73
CA ASP B 178 -11.42 48.42 23.11
C ASP B 178 -12.92 48.64 22.96
N GLU B 179 -13.43 49.70 23.60
CA GLU B 179 -14.86 50.08 23.57
C GLU B 179 -15.52 50.01 22.20
N SER B 180 -14.69 50.07 21.17
CA SER B 180 -15.11 49.98 19.78
C SER B 180 -13.89 49.82 18.88
N LYS B 181 -12.95 50.76 18.98
CA LYS B 181 -11.72 50.78 18.19
C LYS B 181 -11.32 49.60 17.31
N ALA B 182 -10.71 48.59 17.91
CA ALA B 182 -10.24 47.41 17.16
C ALA B 182 -11.34 46.54 16.52
N ALA B 183 -12.57 46.66 17.02
CA ALA B 183 -13.71 45.89 16.52
C ALA B 183 -13.89 45.85 15.00
N THR B 184 -13.22 46.72 14.27
CA THR B 184 -13.36 46.73 12.82
C THR B 184 -12.54 45.66 12.08
N LEU B 185 -12.62 44.42 12.56
CA LEU B 185 -11.92 43.33 11.92
C LEU B 185 -13.00 42.38 11.41
N SER B 186 -12.81 41.89 10.19
CA SER B 186 -13.75 41.00 9.49
C SER B 186 -14.66 40.11 10.34
N ASP B 187 -15.91 39.95 9.91
CA ASP B 187 -16.91 39.15 10.61
C ASP B 187 -16.38 37.78 11.05
N GLN B 188 -15.64 37.10 10.18
CA GLN B 188 -15.06 35.81 10.54
C GLN B 188 -14.08 35.97 11.70
N GLU B 189 -13.35 37.08 11.68
CA GLU B 189 -12.37 37.39 12.74
C GLU B 189 -13.05 37.58 14.10
N ILE B 190 -14.22 38.20 14.08
CA ILE B 190 -14.93 38.44 15.32
C ILE B 190 -15.72 37.15 15.81
N LEU B 191 -15.88 36.12 14.98
CA LEU B 191 -16.55 34.91 15.41
C LEU B 191 -15.64 34.00 16.23
N ASN B 192 -14.33 34.16 16.10
CA ASN B 192 -13.41 33.33 16.82
C ASN B 192 -13.29 33.63 18.29
N PHE B 193 -14.01 34.62 18.78
CA PHE B 193 -14.01 34.92 20.22
C PHE B 193 -14.70 33.80 20.94
N LEU B 194 -15.36 32.94 20.16
CA LEU B 194 -16.07 31.76 20.68
C LEU B 194 -15.07 30.62 20.96
N PHE B 195 -13.90 30.71 20.34
CA PHE B 195 -12.81 29.73 20.51
C PHE B 195 -11.84 30.07 21.65
N VAL B 196 -12.14 31.17 22.34
CA VAL B 196 -11.35 31.63 23.48
C VAL B 196 -11.83 30.86 24.72
N PRO B 197 -10.89 30.35 25.53
CA PRO B 197 -11.27 29.59 26.74
C PRO B 197 -12.24 30.29 27.68
N GLY B 198 -11.91 31.50 28.12
CA GLY B 198 -12.75 32.23 29.05
C GLY B 198 -14.18 32.56 28.61
N PHE B 199 -14.47 32.39 27.31
CA PHE B 199 -15.79 32.69 26.77
C PHE B 199 -16.88 31.67 27.08
N SER B 200 -18.14 32.15 27.06
CA SER B 200 -19.35 31.35 27.29
C SER B 200 -19.62 30.70 28.67
N THR B 201 -18.63 29.98 29.22
CA THR B 201 -18.77 29.29 30.52
C THR B 201 -17.50 29.36 31.40
N LYS B 202 -17.40 28.45 32.37
CA LYS B 202 -16.22 28.37 33.25
C LYS B 202 -15.13 27.44 32.66
N GLU B 203 -14.01 27.26 33.35
CA GLU B 203 -12.86 26.51 32.79
C GLU B 203 -12.37 25.05 33.02
N LYS B 204 -12.55 24.44 34.19
CA LYS B 204 -12.02 23.08 34.38
C LYS B 204 -12.36 22.05 33.28
N VAL B 205 -11.32 21.45 32.71
CA VAL B 205 -11.44 20.44 31.64
C VAL B 205 -12.08 19.14 32.14
N SER B 206 -11.88 18.83 33.42
CA SER B 206 -12.45 17.63 34.04
C SER B 206 -13.93 17.93 34.32
N GLU B 207 -14.20 19.21 34.60
CA GLU B 207 -15.54 19.73 34.91
C GLU B 207 -16.41 19.88 33.64
N VAL B 208 -16.95 18.75 33.18
CA VAL B 208 -17.82 18.67 32.01
C VAL B 208 -19.22 18.35 32.54
N SER B 209 -19.25 17.48 33.55
CA SER B 209 -20.47 17.02 34.21
C SER B 209 -20.97 18.05 35.24
N GLY B 210 -22.07 18.73 34.92
CA GLY B 210 -22.64 19.73 35.81
C GLY B 210 -22.49 21.17 35.33
N ARG B 211 -21.83 21.37 34.19
CA ARG B 211 -21.63 22.70 33.61
C ARG B 211 -21.60 22.70 32.08
N GLY B 212 -20.73 21.88 31.50
CA GLY B 212 -20.63 21.81 30.07
C GLY B 212 -19.20 21.52 29.65
N VAL B 213 -18.98 21.42 28.34
CA VAL B 213 -17.64 21.13 27.84
C VAL B 213 -16.91 22.40 27.37
N GLY B 214 -17.61 23.30 26.68
CA GLY B 214 -16.99 24.53 26.20
C GLY B 214 -16.54 24.44 24.75
N MET B 215 -16.95 25.40 23.95
CA MET B 215 -16.62 25.46 22.53
C MET B 215 -15.11 25.38 22.20
N ASP B 216 -14.28 25.92 23.08
CA ASP B 216 -12.83 25.91 22.87
C ASP B 216 -12.25 24.50 22.86
N VAL B 217 -12.83 23.61 23.67
CA VAL B 217 -12.41 22.22 23.79
C VAL B 217 -12.63 21.39 22.52
N VAL B 218 -13.65 21.73 21.75
CA VAL B 218 -13.98 21.04 20.50
C VAL B 218 -12.89 21.34 19.48
N LYS B 219 -12.50 22.60 19.41
CA LYS B 219 -11.45 23.07 18.51
C LYS B 219 -10.14 22.37 18.79
N ASN B 220 -9.85 22.18 20.08
CA ASN B 220 -8.61 21.54 20.47
C ASN B 220 -8.50 20.10 20.02
N VAL B 221 -9.59 19.36 20.10
CA VAL B 221 -9.60 17.97 19.68
C VAL B 221 -9.39 17.90 18.16
N VAL B 222 -10.17 18.65 17.40
CA VAL B 222 -10.03 18.64 15.97
C VAL B 222 -8.63 19.09 15.51
N GLU B 223 -7.98 19.96 16.31
CA GLU B 223 -6.63 20.43 15.95
C GLU B 223 -5.56 19.40 16.30
N SER B 224 -5.81 18.62 17.34
CA SER B 224 -4.89 17.57 17.77
C SER B 224 -4.85 16.46 16.73
N LEU B 225 -5.79 16.50 15.80
CA LEU B 225 -5.88 15.52 14.73
C LEU B 225 -5.34 16.18 13.47
N ASN B 226 -4.84 17.39 13.64
CA ASN B 226 -4.31 18.21 12.57
C ASN B 226 -5.37 18.73 11.62
N GLY B 227 -6.56 18.95 12.17
CA GLY B 227 -7.66 19.47 11.39
C GLY B 227 -7.86 20.94 11.70
N SER B 228 -8.87 21.54 11.08
CA SER B 228 -9.18 22.95 11.30
C SER B 228 -10.71 23.13 11.46
N MET B 229 -11.08 24.11 12.28
CA MET B 229 -12.50 24.38 12.57
C MET B 229 -12.92 25.80 12.17
N GLY B 230 -14.12 25.91 11.59
CA GLY B 230 -14.61 27.21 11.17
C GLY B 230 -16.07 27.43 11.53
N ILE B 231 -16.45 28.68 11.74
CA ILE B 231 -17.83 28.98 12.08
C ILE B 231 -18.39 30.04 11.13
N GLU B 232 -19.68 29.96 10.85
CA GLU B 232 -20.34 30.91 9.98
C GLU B 232 -21.74 31.04 10.50
N SER B 233 -22.19 32.28 10.72
CA SER B 233 -23.52 32.51 11.25
C SER B 233 -24.08 33.82 10.75
N GLU B 234 -25.40 33.91 10.85
CA GLU B 234 -26.13 35.10 10.45
C GLU B 234 -27.27 35.23 11.46
N LYS B 235 -27.42 36.42 12.03
CA LYS B 235 -28.46 36.67 13.02
C LYS B 235 -29.82 36.17 12.52
N ASP B 236 -30.47 35.37 13.35
CA ASP B 236 -31.80 34.80 13.06
C ASP B 236 -31.91 33.97 11.78
N LYS B 237 -30.78 33.63 11.17
CA LYS B 237 -30.76 32.82 9.96
C LYS B 237 -30.35 31.39 10.30
N GLY B 238 -29.17 31.25 10.89
CA GLY B 238 -28.65 29.96 11.29
C GLY B 238 -27.15 29.95 11.58
N THR B 239 -26.60 28.76 11.77
CA THR B 239 -25.17 28.57 12.07
C THR B 239 -24.56 27.37 11.36
N LYS B 240 -23.40 27.57 10.76
CA LYS B 240 -22.73 26.48 10.06
C LYS B 240 -21.29 26.34 10.54
N VAL B 241 -21.02 25.24 11.24
CA VAL B 241 -19.68 24.98 11.75
C VAL B 241 -19.05 23.88 10.88
N THR B 242 -17.88 24.20 10.33
CA THR B 242 -17.16 23.28 9.45
C THR B 242 -15.89 22.70 10.09
N ILE B 243 -15.69 21.40 9.89
CA ILE B 243 -14.52 20.72 10.41
C ILE B 243 -13.82 20.03 9.26
N ARG B 244 -12.53 20.29 9.11
CA ARG B 244 -11.71 19.69 8.07
C ARG B 244 -10.71 18.71 8.69
N LEU B 245 -10.59 17.53 8.08
CA LEU B 245 -9.68 16.49 8.56
C LEU B 245 -8.83 15.98 7.39
N PRO B 246 -7.50 15.93 7.55
CA PRO B 246 -6.54 15.48 6.52
C PRO B 246 -6.66 14.02 6.12
N LEU B 247 -6.68 13.77 4.82
CA LEU B 247 -6.76 12.39 4.31
C LEU B 247 -5.37 11.78 4.15
N THR B 248 -4.35 12.63 4.09
CA THR B 248 -2.96 12.22 3.89
C THR B 248 -2.01 12.63 5.01
N LEU B 249 -0.72 12.42 4.74
CA LEU B 249 0.36 12.73 5.67
C LEU B 249 0.74 14.20 5.69
N ALA B 250 0.96 14.73 6.89
CA ALA B 250 1.35 16.12 7.05
C ALA B 250 2.84 16.19 7.33
N ILE B 251 3.57 16.71 6.36
CA ILE B 251 5.02 16.82 6.48
C ILE B 251 5.46 18.29 6.63
N ILE B 252 6.08 18.58 7.77
CA ILE B 252 6.56 19.93 8.08
C ILE B 252 8.05 19.90 8.38
N CYS B 253 8.72 21.02 8.12
CA CYS B 253 10.15 21.17 8.39
C CYS B 253 10.26 21.59 9.85
N ALA B 254 11.08 20.89 10.63
CA ALA B 254 11.22 21.24 12.05
C ALA B 254 12.67 21.23 12.56
N LEU B 255 12.92 22.00 13.60
CA LEU B 255 14.24 22.09 14.21
C LEU B 255 14.29 21.07 15.34
N LEU B 256 15.20 20.12 15.23
CA LEU B 256 15.32 19.15 16.28
C LEU B 256 16.19 19.75 17.38
N VAL B 257 15.71 19.66 18.61
CA VAL B 257 16.44 20.17 19.77
C VAL B 257 16.54 19.11 20.84
N LYS B 258 17.62 19.15 21.60
CA LYS B 258 17.82 18.16 22.64
C LYS B 258 17.73 18.77 24.02
N VAL B 259 17.04 18.07 24.91
CA VAL B 259 16.86 18.50 26.29
C VAL B 259 16.90 17.22 27.10
N ASN B 260 17.82 17.16 28.07
CA ASN B 260 18.00 15.99 28.95
C ASN B 260 18.08 14.71 28.12
N ASN B 261 18.77 14.80 26.98
CA ASN B 261 18.97 13.67 26.07
C ASN B 261 17.73 13.26 25.24
N LEU B 262 16.61 13.96 25.41
CA LEU B 262 15.40 13.67 24.65
C LEU B 262 15.28 14.66 23.50
N VAL B 263 14.71 14.20 22.39
CA VAL B 263 14.56 15.05 21.21
C VAL B 263 13.15 15.63 21.05
N TYR B 264 13.11 16.93 20.79
CA TYR B 264 11.88 17.65 20.59
C TYR B 264 11.97 18.39 19.24
N ALA B 265 10.83 18.66 18.63
CA ALA B 265 10.83 19.34 17.35
C ALA B 265 10.09 20.65 17.39
N ILE B 266 10.74 21.68 16.85
CA ILE B 266 10.14 23.00 16.80
C ILE B 266 9.94 23.37 15.35
N PRO B 267 8.68 23.55 14.94
CA PRO B 267 8.33 23.91 13.56
C PRO B 267 9.14 25.09 13.05
N ILE B 268 9.87 24.90 11.96
CA ILE B 268 10.69 25.97 11.36
C ILE B 268 9.86 27.21 11.03
N ALA B 269 8.56 27.01 10.78
CA ALA B 269 7.67 28.10 10.44
C ALA B 269 7.73 29.27 11.42
N ASN B 270 7.97 28.96 12.69
CA ASN B 270 8.01 29.98 13.74
C ASN B 270 9.38 30.58 14.04
N ILE B 271 10.40 29.73 14.19
CA ILE B 271 11.76 30.16 14.48
C ILE B 271 12.25 31.29 13.60
N ASP B 272 12.71 32.39 14.21
CA ASP B 272 13.22 33.51 13.45
C ASP B 272 14.76 33.65 13.56
N THR B 273 15.34 33.01 14.57
CA THR B 273 16.79 33.01 14.77
C THR B 273 17.26 32.05 15.87
N ILE B 274 18.48 31.57 15.74
CA ILE B 274 19.07 30.67 16.74
C ILE B 274 20.48 31.11 17.08
N LEU B 275 20.73 31.27 18.37
CA LEU B 275 22.04 31.69 18.83
C LEU B 275 22.50 30.99 20.09
N SER B 276 23.80 30.69 20.14
CA SER B 276 24.40 30.03 21.28
C SER B 276 24.47 31.03 22.40
N ILE B 277 24.22 30.55 23.62
CA ILE B 277 24.22 31.42 24.77
C ILE B 277 24.69 30.68 26.02
N SER B 278 24.95 31.43 27.08
CA SER B 278 25.40 30.86 28.35
C SER B 278 24.48 31.27 29.50
N LYS B 279 24.66 30.64 30.65
CA LYS B 279 23.84 30.87 31.85
C LYS B 279 23.76 32.31 32.32
N GLU B 280 24.88 33.03 32.19
CA GLU B 280 24.99 34.42 32.64
C GLU B 280 24.22 35.43 31.79
N ASP B 281 23.87 35.03 30.56
CA ASP B 281 23.12 35.91 29.66
C ASP B 281 21.64 35.93 30.03
N ILE B 282 21.22 34.93 30.80
CA ILE B 282 19.83 34.85 31.24
C ILE B 282 19.64 35.69 32.50
N GLN B 283 19.06 36.87 32.32
CA GLN B 283 18.82 37.78 33.43
C GLN B 283 17.41 37.54 33.98
N ARG B 284 17.32 37.40 35.30
CA ARG B 284 16.03 37.18 35.93
C ARG B 284 15.45 38.46 36.48
N VAL B 285 14.40 38.94 35.84
CA VAL B 285 13.75 40.14 36.36
C VAL B 285 12.69 39.58 37.31
N GLN B 286 11.43 40.02 37.20
CA GLN B 286 10.33 39.52 38.05
C GLN B 286 10.43 38.02 38.35
N ASP B 287 9.54 37.21 37.77
CA ASP B 287 9.59 35.77 37.94
C ASP B 287 10.16 35.23 36.63
N ARG B 288 10.07 36.08 35.60
CA ARG B 288 10.54 35.82 34.25
C ARG B 288 12.04 35.90 34.06
N ASP B 289 12.52 35.14 33.08
CA ASP B 289 13.92 35.11 32.70
C ASP B 289 13.93 35.72 31.31
N VAL B 290 14.94 36.53 31.02
CA VAL B 290 15.02 37.19 29.71
C VAL B 290 16.45 37.26 29.18
N ILE B 291 16.58 37.64 27.90
CA ILE B 291 17.87 37.84 27.26
C ILE B 291 17.80 39.14 26.46
N VAL B 292 18.96 39.78 26.26
CA VAL B 292 18.99 41.03 25.52
C VAL B 292 19.69 40.78 24.20
N ILE B 293 18.97 41.01 23.12
CA ILE B 293 19.54 40.83 21.77
C ILE B 293 19.53 42.19 21.11
N ARG B 294 20.71 42.78 20.96
CA ARG B 294 20.85 44.10 20.33
C ARG B 294 20.04 45.15 21.09
N GLY B 295 19.93 44.95 22.40
CA GLY B 295 19.17 45.88 23.23
C GLY B 295 17.70 45.50 23.44
N GLU B 296 17.21 44.53 22.70
CA GLU B 296 15.82 44.12 22.84
C GLU B 296 15.70 43.09 23.97
N VAL B 297 14.95 43.45 25.02
CA VAL B 297 14.75 42.54 26.13
C VAL B 297 13.72 41.53 25.63
N ILE B 298 14.14 40.27 25.61
CA ILE B 298 13.32 39.16 25.12
C ILE B 298 13.06 38.10 26.20
N PRO B 299 11.78 37.72 26.38
CA PRO B 299 11.32 36.72 27.36
C PRO B 299 11.93 35.37 26.99
N VAL B 300 12.36 34.62 27.99
CA VAL B 300 12.99 33.34 27.73
C VAL B 300 12.60 32.22 28.68
N TYR B 301 12.45 31.02 28.15
CA TYR B 301 12.07 29.87 28.95
C TYR B 301 12.97 28.67 28.73
N ARG B 302 13.41 28.07 29.82
CA ARG B 302 14.26 26.89 29.78
C ARG B 302 13.33 25.70 29.55
N LEU B 303 13.51 24.98 28.45
CA LEU B 303 12.66 23.85 28.13
C LEU B 303 12.55 22.81 29.23
N TRP B 304 13.64 22.57 29.95
CA TRP B 304 13.62 21.60 31.04
C TRP B 304 12.85 22.12 32.25
N GLU B 305 12.48 23.40 32.20
CA GLU B 305 11.74 24.03 33.29
C GLU B 305 10.26 24.11 32.91
N VAL B 306 9.99 24.27 31.62
CA VAL B 306 8.63 24.34 31.10
C VAL B 306 7.94 23.00 31.32
N LEU B 307 8.66 21.93 31.00
CA LEU B 307 8.15 20.57 31.15
C LEU B 307 8.43 20.06 32.57
N GLN B 308 9.35 19.11 32.66
CA GLN B 308 9.77 18.50 33.91
C GLN B 308 10.98 17.64 33.55
N ILE B 309 12.09 17.81 34.26
CA ILE B 309 13.31 17.05 33.98
C ILE B 309 13.08 15.53 34.05
N MET B 318 24.39 25.93 26.16
CA MET B 318 22.96 26.29 25.92
C MET B 318 22.67 26.96 24.58
N GLU B 319 21.48 26.71 24.07
CA GLU B 319 21.03 27.26 22.80
C GLU B 319 19.71 27.98 22.99
N ALA B 320 19.55 29.13 22.34
CA ALA B 320 18.33 29.92 22.44
C ALA B 320 17.59 29.95 21.11
N VAL B 321 16.44 29.29 21.08
CA VAL B 321 15.61 29.22 19.88
C VAL B 321 14.56 30.31 19.95
N ILE B 322 14.87 31.48 19.41
CA ILE B 322 13.95 32.61 19.43
C ILE B 322 12.85 32.37 18.41
N VAL B 323 11.61 32.33 18.88
CA VAL B 323 10.46 32.11 18.00
C VAL B 323 9.53 33.32 17.98
N ARG B 324 8.60 33.34 17.04
CA ARG B 324 7.68 34.45 16.88
C ARG B 324 6.22 33.98 16.71
N VAL B 325 5.43 34.11 17.77
CA VAL B 325 4.02 33.72 17.76
C VAL B 325 3.14 34.97 17.73
N GLY B 326 2.63 35.31 16.55
CA GLY B 326 1.80 36.50 16.41
C GLY B 326 2.63 37.74 16.72
N ASN B 327 2.37 38.35 17.88
CA ASN B 327 3.09 39.55 18.34
C ASN B 327 4.31 39.05 19.11
N ARG B 328 4.02 38.13 20.02
CA ARG B 328 5.00 37.51 20.90
C ARG B 328 6.29 37.09 20.22
N LYS B 329 7.40 37.45 20.82
CA LYS B 329 8.72 37.09 20.34
C LYS B 329 9.50 36.74 21.60
N TYR B 330 9.63 35.45 21.87
CA TYR B 330 10.34 35.01 23.05
C TYR B 330 11.26 33.87 22.67
N GLY B 331 12.15 33.51 23.58
CA GLY B 331 13.09 32.44 23.29
C GLY B 331 12.89 31.21 24.14
N ILE B 332 13.33 30.08 23.59
CA ILE B 332 13.23 28.78 24.26
C ILE B 332 14.62 28.21 24.45
N VAL B 333 15.05 28.10 25.69
CA VAL B 333 16.37 27.56 25.99
C VAL B 333 16.42 26.02 26.01
N VAL B 334 17.43 25.47 25.33
CA VAL B 334 17.65 24.02 25.25
C VAL B 334 19.15 23.70 25.37
N ASP B 335 19.46 22.44 25.60
CA ASP B 335 20.86 22.03 25.71
C ASP B 335 21.63 22.13 24.39
N ASP B 336 21.10 21.54 23.32
CA ASP B 336 21.74 21.58 22.00
C ASP B 336 20.78 21.34 20.85
N LEU B 337 21.22 21.74 19.66
CA LEU B 337 20.46 21.64 18.44
C LEU B 337 20.92 20.39 17.68
N LEU B 338 19.98 19.71 17.05
CA LEU B 338 20.33 18.53 16.30
C LEU B 338 19.95 18.81 14.88
N GLY B 339 20.20 20.05 14.46
CA GLY B 339 19.86 20.43 13.11
C GLY B 339 18.39 20.43 12.68
N GLN B 340 18.17 20.60 11.37
CA GLN B 340 16.83 20.62 10.76
C GLN B 340 16.40 19.20 10.43
N ASP B 341 15.15 19.07 9.98
CA ASP B 341 14.56 17.79 9.59
C ASP B 341 13.11 17.93 9.11
N ASP B 342 12.77 17.15 8.08
CA ASP B 342 11.42 17.11 7.54
C ASP B 342 10.78 15.96 8.31
N ILE B 343 9.66 16.24 8.97
CA ILE B 343 9.00 15.20 9.74
C ILE B 343 7.54 14.99 9.35
N VAL B 344 7.04 13.80 9.69
CA VAL B 344 5.66 13.42 9.43
C VAL B 344 4.92 13.41 10.75
N ILE B 345 3.81 14.11 10.83
CA ILE B 345 3.03 14.17 12.06
C ILE B 345 2.10 12.97 12.15
N LYS B 346 2.03 12.36 13.33
CA LYS B 346 1.17 11.19 13.53
C LYS B 346 -0.06 11.46 14.40
N SER B 347 -1.18 10.83 14.02
CA SER B 347 -2.46 10.98 14.72
C SER B 347 -2.56 10.12 16.00
N LEU B 348 -3.09 10.72 17.05
CA LEU B 348 -3.26 10.04 18.33
C LEU B 348 -4.63 10.35 18.91
N GLY B 349 -4.98 11.63 18.96
CA GLY B 349 -6.27 12.04 19.48
C GLY B 349 -6.29 12.59 20.89
N LYS B 350 -7.11 11.97 21.74
CA LYS B 350 -7.27 12.36 23.15
C LYS B 350 -5.97 12.35 23.93
N VAL B 351 -4.87 12.05 23.24
CA VAL B 351 -3.55 12.00 23.82
C VAL B 351 -3.06 13.42 24.15
N PHE B 352 -2.53 14.11 23.14
CA PHE B 352 -1.99 15.45 23.32
C PHE B 352 -3.07 16.55 23.34
N SER B 353 -4.33 16.16 23.51
CA SER B 353 -5.44 17.10 23.53
C SER B 353 -5.36 18.10 24.66
N GLU B 354 -5.20 17.60 25.87
CA GLU B 354 -5.13 18.45 27.05
C GLU B 354 -3.76 19.11 27.24
N VAL B 355 -2.74 18.57 26.56
CA VAL B 355 -1.38 19.09 26.65
C VAL B 355 -1.18 20.27 25.70
N LYS B 356 -0.99 21.47 26.27
CA LYS B 356 -0.80 22.68 25.47
C LYS B 356 0.61 22.78 24.89
N GLU B 357 1.60 22.26 25.63
CA GLU B 357 2.99 22.31 25.21
C GLU B 357 3.22 21.60 23.88
N PHE B 358 2.52 20.49 23.68
CA PHE B 358 2.65 19.72 22.45
C PHE B 358 1.47 19.87 21.50
N SER B 359 1.75 19.73 20.22
CA SER B 359 0.72 19.81 19.20
C SER B 359 0.69 18.43 18.52
N GLY B 360 1.42 17.50 19.11
CA GLY B 360 1.48 16.16 18.59
C GLY B 360 2.90 15.68 18.62
N ALA B 361 3.16 14.61 17.89
CA ALA B 361 4.50 14.06 17.82
C ALA B 361 4.79 13.66 16.39
N ALA B 362 6.07 13.40 16.15
CA ALA B 362 6.55 12.98 14.85
C ALA B 362 7.52 11.84 15.04
N ILE B 363 7.65 11.03 14.00
CA ILE B 363 8.55 9.89 14.03
C ILE B 363 9.82 10.27 13.26
N LEU B 364 10.98 9.95 13.85
CA LEU B 364 12.26 10.26 13.24
C LEU B 364 12.81 9.13 12.37
N GLY B 365 13.68 9.50 11.43
CA GLY B 365 14.28 8.54 10.51
C GLY B 365 14.81 7.27 11.16
N ASP B 366 15.42 7.41 12.33
CA ASP B 366 15.99 6.28 13.07
C ASP B 366 14.98 5.42 13.85
N GLY B 367 13.72 5.83 13.83
CA GLY B 367 12.68 5.08 14.54
C GLY B 367 12.37 5.62 15.93
N SER B 368 12.92 6.78 16.24
CA SER B 368 12.71 7.42 17.53
C SER B 368 11.58 8.44 17.49
N ILE B 369 10.84 8.50 18.59
CA ILE B 369 9.72 9.42 18.73
C ILE B 369 10.20 10.85 19.06
N ALA B 370 9.62 11.83 18.38
CA ALA B 370 9.97 13.22 18.62
C ALA B 370 8.73 14.06 18.88
N LEU B 371 8.60 14.58 20.09
CA LEU B 371 7.46 15.39 20.45
C LEU B 371 7.54 16.76 19.77
N ILE B 372 6.49 17.13 19.05
CA ILE B 372 6.48 18.42 18.37
C ILE B 372 5.98 19.49 19.33
N ILE B 373 6.80 20.50 19.56
CA ILE B 373 6.46 21.59 20.47
C ILE B 373 5.44 22.57 19.92
N ASN B 374 4.49 22.96 20.77
CA ASN B 374 3.49 23.94 20.39
C ASN B 374 3.99 25.27 20.87
N VAL B 375 4.46 26.06 19.92
CA VAL B 375 4.98 27.38 20.17
C VAL B 375 3.97 28.28 20.88
N SER B 376 2.74 28.31 20.39
CA SER B 376 1.70 29.13 21.00
C SER B 376 1.25 28.65 22.36
N GLY B 377 1.72 27.48 22.78
CA GLY B 377 1.32 26.94 24.07
C GLY B 377 2.29 27.16 25.21
N ILE B 378 3.07 28.23 25.15
CA ILE B 378 4.02 28.52 26.22
C ILE B 378 4.00 30.00 26.59
HG HG C . 13.15 -3.86 -20.82
HG HG D . 14.33 20.04 6.68
#